data_8E9E
#
_entry.id   8E9E
#
_cell.length_a   169.898
_cell.length_b   169.898
_cell.length_c   69.339
_cell.angle_alpha   90.000
_cell.angle_beta   90.000
_cell.angle_gamma   120.000
#
_symmetry.space_group_name_H-M   'P 61'
#
loop_
_entity.id
_entity.type
_entity.pdbx_description
1 polymer 'Protein farnesyltransferase/geranylgeranyltransferase type-1 subunit alpha'
2 polymer 'Protein farnesyltransferase subunit beta'
3 non-polymer 2-AMINO-2-HYDROXYMETHYL-PROPANE-1,3-DIOL
4 non-polymer 1,2-ETHANEDIOL
5 non-polymer 'FARNESYL DIPHOSPHATE'
6 non-polymer 'ZINC ION'
7 non-polymer (5S)-4-({1-[(4-bromophenyl)methyl]-1H-imidazol-5-yl}methyl)-5-butyl-1-[3-(trifluoromethoxy)phenyl]piperazin-2-one
8 water water
#
loop_
_entity_poly.entity_id
_entity_poly.type
_entity_poly.pdbx_seq_one_letter_code
_entity_poly.pdbx_strand_id
1 'polypeptide(L)'
;MAATEGVGESAPGGEPGQPEQPPPPPPPPPAQQPQEEEMAAEAGEAAASPMDDGFLSLDSPTYVLYRDRAEWADIDPVPQ
NDGPSPVVQIIYSEKFRDVYDYFRAVLQRDERSERAFKLTRDAIELNAANYTVWHFRRVLLRSLQKDLQEEMNYIIAIIE
EQPKNYQVWHHRRVLVEWLKDPSQELEFIADILNQDAKNYHAWQHRQWVIQEFRLWDNELQYVDQLLKEDVRNNSVWNQR
HFVISNTTGYSDRAVLEREVQYTLEMIKLVPHNESAWNYLKGILQDRGLSRYPNLLNQLLDLQPSHSSPYLIAFLVDIYE
DMLENQCDNKEDILNKALELCEILAKEKDTIRKEYWRYIGRSLQSKHSRESDIPASV
;
A
2 'polypeptide(L)'
;MASSSSFTYYCPPSSSPVWSEPLYSLRPEHARERLQDDSVETVTSIEQAKVEEKIQEVFSSYKFNHLVPRLVLQREKHFH
YLKRGLRQLTDAYECLDASRPWLCYWILHSLELLDEPIPQIVATDVCQFLELCQSPDGGFGGGPGQYPHLAPTYAAVNAL
CIIGTEEAYNVINREKLLQYLYSLKQPDGSFLMHVGGEVDVRSAYCAASVASLTNIITPDLFEGTAEWIARCQNWEGGIG
GVPGMEAHGGYTFCGLAALVILKKERSLNLKSLLQWVTSRQMRFEGGFQGRCNKLVDGCYSFWQAGLLPLLHRALHAQGD
PALSMSHWMFHQQALQEYILMCCQCPAGGLLDKPGKSRDFYHTCYCLSGLSIAQHFGSGAMLHDVVMGVPENVLQPTHPV
YNIGPDKVIQATTHFLQKPVPGFEECEDAVTSDPATD
;
B
#
# COMPACT_ATOMS: atom_id res chain seq x y z
N PHE A 55 -20.56 11.09 33.06
CA PHE A 55 -19.64 11.19 31.92
C PHE A 55 -18.49 12.13 32.22
N LEU A 56 -17.36 11.89 31.56
CA LEU A 56 -16.16 12.71 31.72
C LEU A 56 -15.27 12.46 30.53
N SER A 57 -15.06 13.47 29.70
CA SER A 57 -14.31 13.30 28.47
C SER A 57 -12.84 13.06 28.74
N LEU A 58 -12.20 12.34 27.81
CA LEU A 58 -10.83 11.89 28.01
C LEU A 58 -9.85 13.05 28.11
N ASP A 59 -10.18 14.19 27.49
CA ASP A 59 -9.34 15.39 27.47
C ASP A 59 -9.79 16.44 28.47
N SER A 60 -10.82 16.15 29.25
CA SER A 60 -11.32 17.13 30.20
C SER A 60 -10.23 17.45 31.22
N PRO A 61 -10.08 18.71 31.61
CA PRO A 61 -9.11 19.04 32.68
C PRO A 61 -9.43 18.37 34.00
N THR A 62 -10.70 18.12 34.31
CA THR A 62 -11.09 17.42 35.53
C THR A 62 -11.21 15.91 35.33
N TYR A 63 -10.66 15.37 34.24
CA TYR A 63 -10.62 13.93 34.08
C TYR A 63 -9.91 13.29 35.26
N VAL A 64 -10.40 12.15 35.67
CA VAL A 64 -9.87 11.43 36.80
C VAL A 64 -9.55 10.02 36.33
N LEU A 65 -8.47 9.41 36.82
CA LEU A 65 -8.21 8.02 36.47
C LEU A 65 -9.31 7.10 37.02
N TYR A 66 -9.48 5.96 36.35
CA TYR A 66 -10.50 5.02 36.74
C TYR A 66 -10.22 4.42 38.12
N ARG A 67 -8.96 4.19 38.45
CA ARG A 67 -8.64 3.67 39.77
C ARG A 67 -9.04 4.64 40.89
N ASP A 68 -9.30 5.92 40.58
CA ASP A 68 -9.69 6.92 41.57
C ASP A 68 -11.19 7.15 41.61
N ARG A 69 -11.98 6.36 40.87
CA ARG A 69 -13.42 6.58 40.75
C ARG A 69 -14.16 5.63 41.69
N ALA A 70 -14.97 6.20 42.59
CA ALA A 70 -15.65 5.39 43.59
C ALA A 70 -16.57 4.39 42.93
N GLU A 71 -17.29 4.80 41.89
CA GLU A 71 -18.20 3.92 41.16
C GLU A 71 -17.48 2.79 40.43
N TRP A 72 -16.15 2.70 40.51
CA TRP A 72 -15.42 1.58 39.93
C TRP A 72 -14.68 0.74 40.96
N ALA A 73 -14.92 0.99 42.26
CA ALA A 73 -14.14 0.37 43.33
C ALA A 73 -14.35 -1.14 43.47
N ASP A 74 -15.44 -1.68 42.93
CA ASP A 74 -15.71 -3.11 43.07
C ASP A 74 -14.87 -3.95 42.13
N ILE A 75 -14.35 -3.34 41.08
CA ILE A 75 -13.68 -4.04 40.01
C ILE A 75 -12.18 -4.05 40.28
N ASP A 76 -11.54 -5.23 40.14
CA ASP A 76 -10.08 -5.28 40.15
C ASP A 76 -9.58 -5.13 38.73
N PRO A 77 -8.67 -4.18 38.48
CA PRO A 77 -8.11 -4.03 37.14
C PRO A 77 -7.24 -5.21 36.80
N VAL A 78 -7.15 -5.50 35.51
CA VAL A 78 -6.37 -6.62 34.98
C VAL A 78 -5.16 -6.06 34.27
N PRO A 79 -3.94 -6.31 34.76
CA PRO A 79 -2.75 -5.86 34.04
C PRO A 79 -2.58 -6.62 32.74
N GLN A 80 -1.85 -5.99 31.81
CA GLN A 80 -1.53 -6.66 30.57
C GLN A 80 -0.57 -7.82 30.81
N ASN A 81 -0.91 -8.99 30.25
CA ASN A 81 -0.14 -10.23 30.37
C ASN A 81 0.99 -10.22 29.35
N ASP A 82 2.07 -9.51 29.68
CA ASP A 82 3.19 -9.34 28.76
C ASP A 82 4.30 -10.37 28.95
N GLY A 83 4.22 -11.21 29.97
CA GLY A 83 5.21 -12.24 30.18
C GLY A 83 6.36 -11.77 31.03
N PRO A 84 7.25 -12.70 31.40
CA PRO A 84 8.34 -12.33 32.33
C PRO A 84 9.37 -11.38 31.74
N SER A 85 9.78 -11.55 30.48
CA SER A 85 10.77 -10.66 29.87
C SER A 85 10.24 -10.13 28.56
N PRO A 86 9.48 -9.05 28.61
CA PRO A 86 8.78 -8.55 27.42
C PRO A 86 9.71 -8.08 26.32
N VAL A 87 9.18 -8.22 25.12
CA VAL A 87 9.72 -7.70 23.83
C VAL A 87 8.72 -6.66 23.33
N VAL A 88 9.20 -5.62 22.67
CA VAL A 88 8.40 -4.51 22.08
C VAL A 88 7.43 -3.92 23.10
N GLN A 89 7.83 -3.77 24.34
CA GLN A 89 6.95 -3.32 25.41
C GLN A 89 6.78 -1.83 25.33
N ILE A 90 5.55 -1.39 25.25
CA ILE A 90 5.30 0.05 25.17
C ILE A 90 5.19 0.62 26.59
N ILE A 91 5.87 1.74 26.84
CA ILE A 91 5.87 2.35 28.20
C ILE A 91 4.68 3.31 28.24
N TYR A 92 3.52 2.76 28.52
CA TYR A 92 2.27 3.53 28.46
C TYR A 92 2.28 4.67 29.46
N SER A 93 1.63 5.76 29.06
CA SER A 93 1.26 6.82 29.98
C SER A 93 0.31 6.30 31.07
N GLU A 94 0.21 7.07 32.16
CA GLU A 94 -0.72 6.73 33.24
C GLU A 94 -2.14 6.57 32.72
N LYS A 95 -2.67 7.62 32.08
CA LYS A 95 -4.03 7.58 31.55
C LYS A 95 -4.26 6.35 30.69
N PHE A 96 -3.32 6.06 29.77
CA PHE A 96 -3.51 4.95 28.84
C PHE A 96 -3.56 3.62 29.59
N ARG A 97 -2.57 3.36 30.43
CA ARG A 97 -2.51 2.07 31.11
C ARG A 97 -3.68 1.90 32.07
N ASP A 98 -4.16 3.00 32.64
CA ASP A 98 -5.29 2.95 33.56
C ASP A 98 -6.55 2.52 32.82
N VAL A 99 -6.86 3.17 31.70
CA VAL A 99 -8.07 2.83 30.93
C VAL A 99 -8.03 1.37 30.50
N TYR A 100 -6.89 0.93 29.95
CA TYR A 100 -6.83 -0.43 29.40
C TYR A 100 -6.75 -1.50 30.47
N ASP A 101 -6.26 -1.18 31.66
CA ASP A 101 -6.33 -2.11 32.78
C ASP A 101 -7.79 -2.37 33.16
N TYR A 102 -8.61 -1.31 33.19
CA TYR A 102 -10.02 -1.49 33.50
C TYR A 102 -10.78 -2.06 32.30
N PHE A 103 -10.40 -1.70 31.08
CA PHE A 103 -11.01 -2.36 29.93
C PHE A 103 -10.74 -3.86 29.95
N ARG A 104 -9.50 -4.27 30.23
CA ARG A 104 -9.20 -5.69 30.28
C ARG A 104 -10.12 -6.39 31.27
N ALA A 105 -10.45 -5.69 32.35
CA ALA A 105 -11.29 -6.27 33.39
C ALA A 105 -12.74 -6.44 32.92
N VAL A 106 -13.34 -5.39 32.35
CA VAL A 106 -14.74 -5.58 31.93
C VAL A 106 -14.81 -6.61 30.82
N LEU A 107 -13.82 -6.66 29.94
CA LEU A 107 -13.83 -7.60 28.84
C LEU A 107 -13.73 -9.03 29.34
N GLN A 108 -12.86 -9.25 30.35
CA GLN A 108 -12.68 -10.57 30.93
C GLN A 108 -13.96 -11.07 31.60
N ARG A 109 -14.66 -10.18 32.32
CA ARG A 109 -15.94 -10.54 32.92
C ARG A 109 -17.02 -10.73 31.86
N ASP A 110 -16.93 -9.99 30.76
CA ASP A 110 -18.05 -9.78 29.84
C ASP A 110 -19.13 -8.99 30.57
N GLU A 111 -18.73 -7.90 31.23
CA GLU A 111 -19.65 -7.02 31.93
C GLU A 111 -20.36 -6.13 30.91
N ARG A 112 -21.66 -6.33 30.74
CA ARG A 112 -22.45 -5.57 29.79
C ARG A 112 -23.24 -4.52 30.55
N SER A 113 -22.53 -3.48 30.96
CA SER A 113 -23.03 -2.43 31.84
C SER A 113 -22.88 -1.07 31.16
N GLU A 114 -23.64 -0.11 31.67
CA GLU A 114 -23.52 1.25 31.17
C GLU A 114 -22.13 1.81 31.40
N ARG A 115 -21.54 1.59 32.58
CA ARG A 115 -20.21 2.11 32.84
C ARG A 115 -19.19 1.54 31.87
N ALA A 116 -19.33 0.27 31.51
CA ALA A 116 -18.44 -0.35 30.54
C ALA A 116 -18.56 0.34 29.18
N PHE A 117 -19.78 0.62 28.74
CA PHE A 117 -19.98 1.35 27.50
C PHE A 117 -19.26 2.69 27.52
N LYS A 118 -19.33 3.40 28.63
CA LYS A 118 -18.60 4.66 28.72
C LYS A 118 -17.08 4.44 28.71
N LEU A 119 -16.61 3.32 29.28
CA LEU A 119 -15.18 3.07 29.30
C LEU A 119 -14.63 2.80 27.90
N THR A 120 -15.38 2.10 27.06
CA THR A 120 -14.88 1.86 25.71
C THR A 120 -14.70 3.15 24.94
N ARG A 121 -15.51 4.18 25.24
CA ARG A 121 -15.29 5.48 24.62
C ARG A 121 -13.90 6.01 24.95
N ASP A 122 -13.48 5.88 26.20
CA ASP A 122 -12.15 6.37 26.57
C ASP A 122 -11.07 5.51 25.94
N ALA A 123 -11.25 4.19 25.93
CA ALA A 123 -10.27 3.30 25.32
C ALA A 123 -10.10 3.60 23.85
N ILE A 124 -11.23 3.81 23.14
CA ILE A 124 -11.18 4.11 21.71
C ILE A 124 -10.43 5.42 21.47
N GLU A 125 -10.61 6.42 22.33
CA GLU A 125 -9.92 7.68 22.06
C GLU A 125 -8.42 7.57 22.27
N LEU A 126 -7.98 6.67 23.15
CA LEU A 126 -6.56 6.46 23.38
C LEU A 126 -5.90 5.65 22.28
N ASN A 127 -6.62 4.68 21.70
CA ASN A 127 -6.13 3.94 20.54
C ASN A 127 -7.37 3.56 19.71
N ALA A 128 -7.69 4.40 18.74
CA ALA A 128 -8.85 4.14 17.91
C ALA A 128 -8.62 3.05 16.89
N ALA A 129 -7.44 2.43 16.85
CA ALA A 129 -7.22 1.25 16.04
C ALA A 129 -7.36 -0.04 16.84
N ASN A 130 -7.86 0.02 18.08
CA ASN A 130 -8.05 -1.19 18.87
C ASN A 130 -9.39 -1.81 18.48
N TYR A 131 -9.34 -2.76 17.53
CA TYR A 131 -10.54 -3.41 17.04
C TYR A 131 -11.22 -4.24 18.13
N THR A 132 -10.46 -4.70 19.14
CA THR A 132 -11.07 -5.45 20.24
C THR A 132 -12.03 -4.57 21.03
N VAL A 133 -11.60 -3.36 21.39
CA VAL A 133 -12.47 -2.40 22.07
C VAL A 133 -13.68 -2.04 21.22
N TRP A 134 -13.51 -2.02 19.89
CA TRP A 134 -14.65 -1.67 19.01
C TRP A 134 -15.67 -2.80 18.95
N HIS A 135 -15.20 -4.05 18.94
CA HIS A 135 -16.11 -5.19 18.95
C HIS A 135 -16.95 -5.20 20.21
N PHE A 136 -16.33 -4.92 21.36
CA PHE A 136 -17.05 -4.91 22.62
C PHE A 136 -18.07 -3.78 22.65
N ARG A 137 -17.71 -2.63 22.10
CA ARG A 137 -18.63 -1.51 22.07
C ARG A 137 -19.87 -1.85 21.25
N ARG A 138 -19.70 -2.64 20.19
CA ARG A 138 -20.85 -3.05 19.42
C ARG A 138 -21.65 -4.11 20.14
N VAL A 139 -21.01 -4.94 20.97
CA VAL A 139 -21.77 -5.86 21.82
C VAL A 139 -22.63 -5.05 22.77
N LEU A 140 -22.03 -4.07 23.43
CA LEU A 140 -22.76 -3.27 24.42
C LEU A 140 -23.86 -2.45 23.77
N LEU A 141 -23.61 -1.91 22.57
CA LEU A 141 -24.65 -1.19 21.84
C LEU A 141 -25.92 -2.03 21.68
N ARG A 142 -25.77 -3.31 21.35
CA ARG A 142 -26.95 -4.14 21.13
C ARG A 142 -27.53 -4.66 22.45
N SER A 143 -26.67 -5.11 23.39
CA SER A 143 -27.15 -5.65 24.67
C SER A 143 -27.85 -4.59 25.50
N LEU A 144 -27.24 -3.42 25.64
CA LEU A 144 -27.86 -2.35 26.41
C LEU A 144 -28.96 -1.65 25.64
N GLN A 145 -29.18 -2.03 24.38
CA GLN A 145 -30.17 -1.40 23.50
C GLN A 145 -29.96 0.11 23.44
N LYS A 146 -28.75 0.52 23.01
CA LYS A 146 -28.41 1.93 22.95
C LYS A 146 -28.98 2.60 21.69
N ASP A 147 -29.34 3.89 21.85
CA ASP A 147 -29.84 4.69 20.74
C ASP A 147 -28.77 4.85 19.66
N LEU A 148 -29.00 4.26 18.48
CA LEU A 148 -27.97 4.25 17.45
C LEU A 148 -27.80 5.59 16.75
N GLN A 149 -28.76 6.51 16.87
CA GLN A 149 -28.54 7.85 16.34
C GLN A 149 -27.66 8.67 17.26
N GLU A 150 -27.80 8.47 18.57
CA GLU A 150 -26.83 9.00 19.51
C GLU A 150 -25.45 8.39 19.27
N GLU A 151 -25.42 7.11 18.86
CA GLU A 151 -24.14 6.50 18.49
C GLU A 151 -23.61 7.06 17.17
N MET A 152 -24.49 7.49 16.26
CA MET A 152 -24.01 8.12 15.04
C MET A 152 -23.43 9.51 15.32
N ASN A 153 -24.05 10.28 16.23
CA ASN A 153 -23.48 11.56 16.59
C ASN A 153 -22.08 11.39 17.15
N TYR A 154 -21.88 10.34 17.95
CA TYR A 154 -20.54 10.00 18.44
C TYR A 154 -19.57 9.74 17.29
N ILE A 155 -19.94 8.85 16.36
CA ILE A 155 -18.97 8.44 15.36
C ILE A 155 -18.71 9.56 14.36
N ILE A 156 -19.67 10.46 14.09
CA ILE A 156 -19.34 11.55 13.19
C ILE A 156 -18.24 12.42 13.83
N ALA A 157 -18.26 12.52 15.16
CA ALA A 157 -17.26 13.31 15.86
C ALA A 157 -15.90 12.62 15.84
N ILE A 158 -15.86 11.31 16.11
CA ILE A 158 -14.58 10.62 16.19
C ILE A 158 -13.90 10.60 14.82
N ILE A 159 -14.68 10.36 13.76
CA ILE A 159 -14.13 10.42 12.42
C ILE A 159 -13.61 11.82 12.11
N GLU A 160 -14.32 12.86 12.55
CA GLU A 160 -13.83 14.22 12.34
C GLU A 160 -12.43 14.37 12.90
N GLU A 161 -12.16 13.82 14.09
CA GLU A 161 -10.86 14.06 14.72
C GLU A 161 -9.78 13.06 14.32
N GLN A 162 -10.15 11.85 13.89
CA GLN A 162 -9.17 10.87 13.39
C GLN A 162 -9.76 10.15 12.18
N PRO A 163 -9.81 10.81 11.03
CA PRO A 163 -10.43 10.20 9.85
C PRO A 163 -9.54 9.22 9.12
N LYS A 164 -8.27 9.09 9.49
CA LYS A 164 -7.35 8.22 8.76
C LYS A 164 -7.15 6.96 9.58
N ASN A 165 -8.13 6.06 9.52
CA ASN A 165 -8.22 4.91 10.41
C ASN A 165 -9.32 3.95 9.92
N TYR A 166 -9.03 2.64 9.93
CA TYR A 166 -9.96 1.65 9.38
C TYR A 166 -11.20 1.46 10.27
N GLN A 167 -11.02 1.42 11.60
CA GLN A 167 -12.12 0.97 12.45
C GLN A 167 -13.23 2.01 12.57
N VAL A 168 -12.89 3.29 12.58
CA VAL A 168 -13.93 4.31 12.72
C VAL A 168 -14.89 4.25 11.56
N TRP A 169 -14.39 3.98 10.36
CA TRP A 169 -15.26 4.02 9.19
C TRP A 169 -16.08 2.75 9.11
N HIS A 170 -15.48 1.61 9.49
CA HIS A 170 -16.23 0.37 9.49
C HIS A 170 -17.38 0.44 10.46
N HIS A 171 -17.13 0.97 11.66
CA HIS A 171 -18.17 1.14 12.67
C HIS A 171 -19.31 2.00 12.15
N ARG A 172 -18.97 3.10 11.46
CA ARG A 172 -20.02 3.92 10.88
C ARG A 172 -20.87 3.09 9.89
N ARG A 173 -20.21 2.24 9.11
CA ARG A 173 -20.93 1.43 8.15
C ARG A 173 -21.87 0.43 8.83
N VAL A 174 -21.44 -0.15 9.95
CA VAL A 174 -22.31 -1.06 10.68
C VAL A 174 -23.54 -0.34 11.20
N LEU A 175 -23.37 0.86 11.77
CA LEU A 175 -24.52 1.65 12.20
C LEU A 175 -25.48 1.88 11.05
N VAL A 176 -24.95 2.29 9.89
CA VAL A 176 -25.83 2.60 8.76
C VAL A 176 -26.60 1.35 8.31
N GLU A 177 -25.97 0.19 8.37
CA GLU A 177 -26.69 -1.04 8.04
C GLU A 177 -27.73 -1.38 9.09
N TRP A 178 -27.42 -1.16 10.38
CA TRP A 178 -28.37 -1.45 11.45
C TRP A 178 -29.60 -0.55 11.34
N LEU A 179 -29.36 0.75 11.23
CA LEU A 179 -30.44 1.71 11.09
C LEU A 179 -31.09 1.66 9.72
N LYS A 180 -30.40 1.08 8.73
CA LYS A 180 -30.83 1.14 7.33
C LYS A 180 -31.16 2.57 6.92
N ASP A 181 -30.25 3.49 7.22
CA ASP A 181 -30.48 4.93 7.03
C ASP A 181 -29.24 5.60 6.44
N PRO A 182 -29.18 5.80 5.16
CA PRO A 182 -28.03 6.49 4.54
C PRO A 182 -28.19 7.99 4.42
N SER A 183 -29.22 8.57 5.03
CA SER A 183 -29.66 9.93 4.73
C SER A 183 -28.66 11.01 5.15
N GLN A 184 -27.67 10.68 5.97
CA GLN A 184 -26.69 11.65 6.42
C GLN A 184 -25.34 11.46 5.77
N GLU A 185 -25.17 10.40 4.99
CA GLU A 185 -23.84 9.92 4.63
C GLU A 185 -23.15 10.88 3.66
N LEU A 186 -23.79 11.13 2.51
CA LEU A 186 -23.12 11.88 1.45
C LEU A 186 -22.73 13.28 1.91
N GLU A 187 -23.48 13.85 2.84
CA GLU A 187 -23.17 15.18 3.33
C GLU A 187 -22.05 15.14 4.37
N PHE A 188 -22.03 14.09 5.19
CA PHE A 188 -20.96 13.94 6.17
C PHE A 188 -19.65 13.65 5.49
N ILE A 189 -19.66 12.71 4.55
CA ILE A 189 -18.47 12.39 3.79
C ILE A 189 -17.96 13.64 3.07
N ALA A 190 -18.88 14.44 2.54
CA ALA A 190 -18.51 15.69 1.90
C ALA A 190 -17.78 16.62 2.85
N ASP A 191 -18.11 16.57 4.14
CA ASP A 191 -17.39 17.40 5.11
C ASP A 191 -15.98 16.85 5.33
N ILE A 192 -15.85 15.53 5.50
CA ILE A 192 -14.52 14.93 5.67
C ILE A 192 -13.65 15.26 4.46
N LEU A 193 -14.23 15.22 3.26
CA LEU A 193 -13.49 15.50 2.04
C LEU A 193 -13.20 16.99 1.87
N ASN A 194 -13.94 17.84 2.54
CA ASN A 194 -13.63 19.26 2.47
C ASN A 194 -12.36 19.61 3.26
N GLN A 195 -11.90 18.69 4.11
CA GLN A 195 -10.66 18.82 4.85
C GLN A 195 -9.55 17.92 4.33
N ASP A 196 -9.88 16.91 3.53
CA ASP A 196 -8.88 16.04 2.89
C ASP A 196 -9.61 15.44 1.69
N ALA A 197 -9.45 16.05 0.53
CA ALA A 197 -10.16 15.61 -0.64
C ALA A 197 -9.67 14.28 -1.18
N LYS A 198 -8.72 13.62 -0.50
CA LYS A 198 -8.16 12.38 -1.01
C LYS A 198 -8.19 11.27 0.02
N ASN A 199 -8.99 11.42 1.08
CA ASN A 199 -9.03 10.43 2.16
C ASN A 199 -9.59 9.11 1.64
N TYR A 200 -8.76 8.07 1.68
CA TYR A 200 -9.11 6.80 1.05
C TYR A 200 -10.37 6.18 1.69
N HIS A 201 -10.44 6.16 3.02
CA HIS A 201 -11.60 5.56 3.68
C HIS A 201 -12.88 6.34 3.38
N ALA A 202 -12.78 7.68 3.37
CA ALA A 202 -13.91 8.51 2.97
C ALA A 202 -14.43 8.12 1.59
N TRP A 203 -13.54 7.96 0.61
CA TRP A 203 -14.02 7.64 -0.74
C TRP A 203 -14.54 6.22 -0.84
N GLN A 204 -13.95 5.29 -0.06
CA GLN A 204 -14.43 3.92 -0.01
C GLN A 204 -15.83 3.88 0.60
N HIS A 205 -16.01 4.59 1.72
CA HIS A 205 -17.31 4.65 2.36
C HIS A 205 -18.35 5.26 1.45
N ARG A 206 -17.99 6.34 0.76
CA ARG A 206 -18.91 6.98 -0.17
C ARG A 206 -19.34 6.04 -1.29
N GLN A 207 -18.40 5.20 -1.77
CA GLN A 207 -18.77 4.27 -2.83
C GLN A 207 -19.71 3.20 -2.33
N TRP A 208 -19.56 2.79 -1.07
CA TRP A 208 -20.45 1.77 -0.51
C TRP A 208 -21.87 2.30 -0.35
N VAL A 209 -22.01 3.46 0.30
CA VAL A 209 -23.31 4.08 0.51
C VAL A 209 -24.02 4.28 -0.82
N ILE A 210 -23.32 4.82 -1.80
CA ILE A 210 -23.96 5.11 -3.07
C ILE A 210 -24.43 3.82 -3.73
N GLN A 211 -23.58 2.78 -3.74
CA GLN A 211 -23.94 1.56 -4.44
C GLN A 211 -25.01 0.76 -3.70
N GLU A 212 -24.96 0.74 -2.36
CA GLU A 212 -25.87 -0.10 -1.60
C GLU A 212 -27.26 0.52 -1.46
N PHE A 213 -27.35 1.84 -1.50
CA PHE A 213 -28.63 2.53 -1.38
C PHE A 213 -29.03 3.22 -2.68
N ARG A 214 -28.37 2.91 -3.78
CA ARG A 214 -28.71 3.41 -5.11
C ARG A 214 -28.83 4.93 -5.12
N LEU A 215 -27.78 5.58 -4.64
CA LEU A 215 -27.78 7.03 -4.47
C LEU A 215 -26.98 7.73 -5.57
N TRP A 216 -27.12 7.26 -6.80
CA TRP A 216 -26.33 7.72 -7.93
C TRP A 216 -26.71 9.11 -8.45
N ASP A 217 -27.89 9.62 -8.10
CA ASP A 217 -28.50 10.70 -8.86
C ASP A 217 -27.60 11.93 -8.98
N ASN A 218 -26.92 12.30 -7.91
CA ASN A 218 -26.24 13.60 -7.88
C ASN A 218 -24.73 13.50 -7.74
N GLU A 219 -24.15 12.32 -7.99
CA GLU A 219 -22.73 12.13 -7.72
C GLU A 219 -21.85 12.66 -8.85
N LEU A 220 -22.27 12.46 -10.10
CA LEU A 220 -21.51 13.04 -11.19
C LEU A 220 -21.44 14.55 -11.05
N GLN A 221 -22.47 15.16 -10.45
CA GLN A 221 -22.43 16.60 -10.21
C GLN A 221 -21.46 16.93 -9.10
N TYR A 222 -21.41 16.10 -8.06
CA TYR A 222 -20.42 16.27 -7.00
C TYR A 222 -19.00 16.07 -7.54
N VAL A 223 -18.80 15.03 -8.34
CA VAL A 223 -17.53 14.82 -9.04
C VAL A 223 -17.11 16.09 -9.77
N ASP A 224 -18.02 16.64 -10.58
CA ASP A 224 -17.71 17.84 -11.36
C ASP A 224 -17.28 18.99 -10.46
N GLN A 225 -17.94 19.14 -9.30
CA GLN A 225 -17.57 20.21 -8.37
C GLN A 225 -16.13 20.07 -7.87
N LEU A 226 -15.68 18.84 -7.60
CA LEU A 226 -14.36 18.66 -7.02
C LEU A 226 -13.26 18.69 -8.07
N LEU A 227 -13.55 18.28 -9.31
CA LEU A 227 -12.58 18.48 -10.37
C LEU A 227 -12.37 19.97 -10.64
N LYS A 228 -13.45 20.76 -10.58
CA LYS A 228 -13.32 22.22 -10.61
C LYS A 228 -12.33 22.69 -9.57
N GLU A 229 -12.48 22.20 -8.34
CA GLU A 229 -11.59 22.63 -7.27
C GLU A 229 -10.16 22.13 -7.47
N ASP A 230 -9.99 20.86 -7.83
CA ASP A 230 -8.65 20.33 -8.02
C ASP A 230 -8.71 19.25 -9.10
N VAL A 231 -8.44 19.66 -10.34
CA VAL A 231 -8.46 18.77 -11.48
C VAL A 231 -7.40 17.68 -11.36
N ARG A 232 -6.42 17.83 -10.46
CA ARG A 232 -5.43 16.76 -10.24
C ARG A 232 -5.85 15.78 -9.16
N ASN A 233 -7.08 15.86 -8.67
CA ASN A 233 -7.49 14.97 -7.59
C ASN A 233 -7.81 13.62 -8.17
N ASN A 234 -6.86 12.68 -8.06
CA ASN A 234 -7.00 11.41 -8.74
C ASN A 234 -8.13 10.56 -8.15
N SER A 235 -8.44 10.77 -6.87
CA SER A 235 -9.59 10.08 -6.28
C SER A 235 -10.89 10.49 -6.96
N VAL A 236 -10.95 11.74 -7.44
CA VAL A 236 -12.18 12.25 -8.06
C VAL A 236 -12.34 11.71 -9.47
N TRP A 237 -11.25 11.62 -10.22
CA TRP A 237 -11.29 10.94 -11.51
C TRP A 237 -11.73 9.49 -11.35
N ASN A 238 -11.22 8.81 -10.31
CA ASN A 238 -11.67 7.45 -10.05
C ASN A 238 -13.15 7.44 -9.68
N GLN A 239 -13.58 8.39 -8.85
CA GLN A 239 -14.99 8.44 -8.50
C GLN A 239 -15.83 8.70 -9.73
N ARG A 240 -15.29 9.45 -10.68
CA ARG A 240 -16.02 9.74 -11.91
C ARG A 240 -16.20 8.48 -12.75
N HIS A 241 -15.21 7.60 -12.76
CA HIS A 241 -15.30 6.35 -13.49
C HIS A 241 -16.24 5.38 -12.80
N PHE A 242 -16.26 5.39 -11.46
CA PHE A 242 -17.21 4.57 -10.69
C PHE A 242 -18.64 4.93 -11.04
N VAL A 243 -18.97 6.22 -11.02
CA VAL A 243 -20.34 6.66 -11.27
C VAL A 243 -20.79 6.26 -12.67
N ILE A 244 -19.94 6.46 -13.67
CA ILE A 244 -20.36 6.15 -15.03
C ILE A 244 -20.43 4.65 -15.24
N SER A 245 -19.38 3.92 -14.81
CA SER A 245 -19.36 2.47 -14.95
C SER A 245 -20.64 1.81 -14.43
N ASN A 246 -21.24 2.37 -13.39
CA ASN A 246 -22.41 1.72 -12.83
C ASN A 246 -23.72 2.31 -13.28
N THR A 247 -23.72 3.51 -13.86
CA THR A 247 -24.98 4.07 -14.31
C THR A 247 -25.23 3.83 -15.80
N THR A 248 -24.51 4.53 -16.66
CA THR A 248 -24.73 4.38 -18.10
C THR A 248 -23.75 3.42 -18.74
N GLY A 249 -22.57 3.27 -18.14
CA GLY A 249 -21.50 2.55 -18.77
C GLY A 249 -20.87 3.37 -19.88
N TYR A 250 -19.67 2.95 -20.28
CA TYR A 250 -18.98 3.65 -21.33
C TYR A 250 -19.27 3.08 -22.71
N SER A 251 -20.17 2.09 -22.80
CA SER A 251 -20.54 1.54 -24.10
C SER A 251 -21.60 2.38 -24.80
N ASP A 252 -22.27 3.26 -24.08
CA ASP A 252 -23.10 4.28 -24.70
C ASP A 252 -22.21 5.27 -25.45
N ARG A 253 -22.38 5.37 -26.76
CA ARG A 253 -21.43 6.13 -27.56
C ARG A 253 -21.46 7.62 -27.24
N ALA A 254 -22.61 8.14 -26.80
CA ALA A 254 -22.68 9.55 -26.46
C ALA A 254 -21.94 9.85 -25.17
N VAL A 255 -22.11 9.01 -24.15
CA VAL A 255 -21.40 9.20 -22.89
C VAL A 255 -19.90 9.12 -23.09
N LEU A 256 -19.44 8.11 -23.84
CA LEU A 256 -18.00 7.96 -24.07
C LEU A 256 -17.44 9.17 -24.80
N GLU A 257 -18.11 9.60 -25.86
CA GLU A 257 -17.71 10.80 -26.57
C GLU A 257 -17.67 11.99 -25.61
N ARG A 258 -18.76 12.23 -24.88
CA ARG A 258 -18.78 13.31 -23.89
C ARG A 258 -17.59 13.23 -22.95
N GLU A 259 -17.24 12.02 -22.51
CA GLU A 259 -16.16 11.83 -21.55
C GLU A 259 -14.80 12.07 -22.19
N VAL A 260 -14.65 11.67 -23.45
CA VAL A 260 -13.37 11.91 -24.12
C VAL A 260 -13.21 13.39 -24.43
N GLN A 261 -14.26 14.03 -24.97
CA GLN A 261 -14.23 15.48 -25.19
C GLN A 261 -13.88 16.21 -23.89
N TYR A 262 -14.55 15.84 -22.80
CA TYR A 262 -14.31 16.48 -21.50
C TYR A 262 -12.86 16.33 -21.07
N THR A 263 -12.31 15.13 -21.18
CA THR A 263 -10.96 14.86 -20.69
C THR A 263 -9.91 15.58 -21.53
N LEU A 264 -10.08 15.61 -22.86
CA LEU A 264 -9.19 16.38 -23.74
C LEU A 264 -9.21 17.86 -23.39
N GLU A 265 -10.41 18.40 -23.15
CA GLU A 265 -10.52 19.79 -22.71
C GLU A 265 -9.73 20.02 -21.42
N MET A 266 -9.67 19.01 -20.56
CA MET A 266 -8.91 19.14 -19.34
C MET A 266 -7.41 19.05 -19.62
N ILE A 267 -7.01 18.04 -20.40
CA ILE A 267 -5.63 17.93 -20.85
C ILE A 267 -5.15 19.23 -21.50
N LYS A 268 -5.96 19.79 -22.41
CA LYS A 268 -5.60 21.07 -23.00
C LYS A 268 -5.32 22.14 -21.94
N LEU A 269 -6.01 22.08 -20.80
CA LEU A 269 -5.85 23.13 -19.78
C LEU A 269 -4.65 22.87 -18.87
N VAL A 270 -4.51 21.65 -18.37
CA VAL A 270 -3.38 21.31 -17.51
C VAL A 270 -2.64 20.17 -18.19
N PRO A 271 -1.89 20.42 -19.26
CA PRO A 271 -1.33 19.31 -20.05
C PRO A 271 -0.39 18.40 -19.28
N HIS A 272 0.17 18.85 -18.16
CA HIS A 272 1.04 17.98 -17.36
C HIS A 272 0.32 17.26 -16.23
N ASN A 273 -1.00 17.39 -16.15
CA ASN A 273 -1.80 16.68 -15.17
C ASN A 273 -1.95 15.23 -15.59
N GLU A 274 -1.39 14.30 -14.80
CA GLU A 274 -1.32 12.90 -15.19
C GLU A 274 -2.66 12.18 -15.02
N SER A 275 -3.56 12.69 -14.17
CA SER A 275 -4.82 11.98 -13.94
C SER A 275 -5.73 12.02 -15.17
N ALA A 276 -5.80 13.19 -15.83
CA ALA A 276 -6.58 13.28 -17.07
C ALA A 276 -6.06 12.33 -18.13
N TRP A 277 -4.73 12.19 -18.21
CA TRP A 277 -4.18 11.26 -19.20
C TRP A 277 -4.52 9.81 -18.84
N ASN A 278 -4.43 9.44 -17.56
CA ASN A 278 -4.71 8.07 -17.16
C ASN A 278 -6.19 7.73 -17.36
N TYR A 279 -7.06 8.68 -17.03
CA TYR A 279 -8.48 8.52 -17.30
C TYR A 279 -8.75 8.31 -18.79
N LEU A 280 -8.17 9.16 -19.64
CA LEU A 280 -8.41 9.02 -21.07
C LEU A 280 -7.97 7.65 -21.57
N LYS A 281 -6.82 7.18 -21.11
CA LYS A 281 -6.39 5.84 -21.53
C LYS A 281 -7.34 4.79 -20.98
N GLY A 282 -7.78 4.95 -19.72
CA GLY A 282 -8.58 3.91 -19.08
C GLY A 282 -9.92 3.68 -19.75
N ILE A 283 -10.59 4.76 -20.18
CA ILE A 283 -11.90 4.59 -20.79
C ILE A 283 -11.81 4.11 -22.24
N LEU A 284 -10.65 4.26 -22.88
CA LEU A 284 -10.52 3.83 -24.28
C LEU A 284 -9.72 2.54 -24.44
N GLN A 285 -8.90 2.15 -23.46
CA GLN A 285 -8.03 1.00 -23.66
C GLN A 285 -8.79 -0.31 -23.74
N ASP A 286 -9.99 -0.37 -23.16
CA ASP A 286 -10.75 -1.62 -23.13
C ASP A 286 -11.29 -1.98 -24.52
N ARG A 287 -11.83 -0.99 -25.26
CA ARG A 287 -12.20 -1.26 -26.64
C ARG A 287 -10.98 -1.38 -27.54
N GLY A 288 -9.85 -0.79 -27.17
CA GLY A 288 -8.64 -0.86 -27.97
C GLY A 288 -8.31 0.48 -28.58
N LEU A 289 -7.18 1.06 -28.19
CA LEU A 289 -6.86 2.42 -28.62
C LEU A 289 -6.86 2.55 -30.14
N SER A 290 -6.48 1.50 -30.86
CA SER A 290 -6.47 1.56 -32.31
C SER A 290 -7.88 1.50 -32.93
N ARG A 291 -8.91 1.22 -32.14
CA ARG A 291 -10.28 1.21 -32.66
C ARG A 291 -10.84 2.62 -32.82
N TYR A 292 -10.05 3.64 -32.49
CA TYR A 292 -10.41 5.05 -32.59
C TYR A 292 -9.40 5.71 -33.50
N PRO A 293 -9.61 5.67 -34.81
CA PRO A 293 -8.62 6.21 -35.76
C PRO A 293 -8.32 7.69 -35.59
N ASN A 294 -9.30 8.50 -35.20
CA ASN A 294 -9.08 9.94 -35.12
C ASN A 294 -8.22 10.34 -33.92
N LEU A 295 -8.13 9.48 -32.90
CA LEU A 295 -7.50 9.90 -31.66
C LEU A 295 -6.02 10.22 -31.86
N LEU A 296 -5.35 9.48 -32.74
CA LEU A 296 -3.92 9.68 -32.93
C LEU A 296 -3.62 11.06 -33.48
N ASN A 297 -4.27 11.43 -34.59
CA ASN A 297 -4.03 12.73 -35.20
C ASN A 297 -4.38 13.87 -34.28
N GLN A 298 -5.43 13.68 -33.47
CA GLN A 298 -5.84 14.73 -32.53
C GLN A 298 -4.76 14.97 -31.48
N LEU A 299 -4.13 13.89 -30.99
CA LEU A 299 -3.07 14.07 -30.02
C LEU A 299 -1.84 14.70 -30.66
N LEU A 300 -1.48 14.25 -31.86
CA LEU A 300 -0.37 14.87 -32.58
C LEU A 300 -0.63 16.35 -32.82
N ASP A 301 -1.90 16.75 -32.87
CA ASP A 301 -2.21 18.18 -33.00
C ASP A 301 -1.96 18.94 -31.71
N LEU A 302 -1.87 18.25 -30.56
CA LEU A 302 -1.46 18.90 -29.33
C LEU A 302 0.07 18.96 -29.16
N GLN A 303 0.83 18.20 -29.97
CA GLN A 303 2.28 18.05 -29.81
C GLN A 303 3.03 19.38 -29.65
N PRO A 304 2.84 20.40 -30.49
CA PRO A 304 3.67 21.61 -30.33
C PRO A 304 3.47 22.35 -29.02
N SER A 305 2.23 22.68 -28.66
CA SER A 305 1.97 23.66 -27.60
C SER A 305 1.34 23.07 -26.34
N HIS A 306 1.21 21.74 -26.26
CA HIS A 306 0.67 21.10 -25.06
C HIS A 306 1.42 19.82 -24.73
N SER A 307 2.69 19.74 -25.14
CA SER A 307 3.44 18.50 -25.04
C SER A 307 3.83 18.19 -23.60
N SER A 308 4.00 16.89 -23.34
CA SER A 308 4.44 16.36 -22.06
C SER A 308 5.01 14.98 -22.33
N PRO A 309 5.67 14.37 -21.34
CA PRO A 309 6.00 12.95 -21.53
C PRO A 309 4.77 12.09 -21.56
N TYR A 310 3.64 12.60 -21.05
CA TYR A 310 2.39 11.85 -21.02
C TYR A 310 1.76 11.73 -22.41
N LEU A 311 1.96 12.73 -23.28
CA LEU A 311 1.49 12.59 -24.66
C LEU A 311 2.39 11.68 -25.48
N ILE A 312 3.72 11.82 -25.32
CA ILE A 312 4.66 10.90 -25.98
C ILE A 312 4.30 9.46 -25.64
N ALA A 313 4.07 9.19 -24.35
CA ALA A 313 3.83 7.83 -23.91
C ALA A 313 2.50 7.30 -24.44
N PHE A 314 1.50 8.16 -24.56
CA PHE A 314 0.22 7.76 -25.13
C PHE A 314 0.39 7.33 -26.58
N LEU A 315 1.23 8.06 -27.34
CA LEU A 315 1.46 7.71 -28.73
C LEU A 315 2.08 6.33 -28.87
N VAL A 316 3.05 6.00 -28.01
CA VAL A 316 3.60 4.64 -27.99
C VAL A 316 2.51 3.63 -27.68
N ASP A 317 1.55 4.00 -26.82
CA ASP A 317 0.45 3.12 -26.48
C ASP A 317 -0.48 2.89 -27.66
N ILE A 318 -0.76 3.94 -28.44
CA ILE A 318 -1.57 3.78 -29.64
C ILE A 318 -0.85 2.89 -30.64
N TYR A 319 0.44 3.16 -30.86
CA TYR A 319 1.23 2.37 -31.80
C TYR A 319 1.26 0.90 -31.40
N GLU A 320 1.50 0.62 -30.12
CA GLU A 320 1.54 -0.76 -29.64
C GLU A 320 0.27 -1.51 -30.02
N ASP A 321 -0.89 -0.87 -29.86
CA ASP A 321 -2.15 -1.52 -30.15
C ASP A 321 -2.40 -1.60 -31.65
N MET A 322 -1.99 -0.59 -32.41
CA MET A 322 -2.08 -0.66 -33.86
C MET A 322 -1.28 -1.84 -34.40
N LEU A 323 -0.08 -2.06 -33.85
CA LEU A 323 0.74 -3.17 -34.32
C LEU A 323 0.13 -4.51 -33.92
N GLU A 324 -0.48 -4.58 -32.74
CA GLU A 324 -1.16 -5.79 -32.29
C GLU A 324 -2.40 -6.12 -33.12
N ASN A 325 -2.87 -5.19 -33.95
CA ASN A 325 -4.08 -5.40 -34.74
C ASN A 325 -3.80 -5.36 -36.24
N GLN A 326 -2.56 -5.67 -36.61
CA GLN A 326 -2.14 -5.78 -38.01
C GLN A 326 -2.59 -4.57 -38.84
N CYS A 327 -2.03 -3.42 -38.47
CA CYS A 327 -2.32 -2.16 -39.12
C CYS A 327 -1.52 -2.01 -40.42
N ASP A 328 -1.99 -1.11 -41.29
CA ASP A 328 -1.24 -0.76 -42.48
C ASP A 328 0.06 -0.03 -42.11
N ASN A 329 1.06 -0.17 -42.98
CA ASN A 329 2.38 0.44 -42.76
C ASN A 329 2.99 -0.06 -41.45
N LYS A 330 2.84 -1.37 -41.21
CA LYS A 330 3.35 -2.04 -40.02
C LYS A 330 4.75 -1.56 -39.64
N GLU A 331 5.69 -1.64 -40.59
CA GLU A 331 7.08 -1.35 -40.26
C GLU A 331 7.28 0.13 -40.01
N ASP A 332 6.61 0.99 -40.77
CA ASP A 332 6.62 2.41 -40.50
C ASP A 332 6.18 2.72 -39.06
N ILE A 333 5.06 2.11 -38.63
CA ILE A 333 4.52 2.34 -37.28
C ILE A 333 5.50 1.83 -36.22
N LEU A 334 6.08 0.66 -36.46
CA LEU A 334 7.06 0.12 -35.53
C LEU A 334 8.24 1.07 -35.34
N ASN A 335 8.69 1.71 -36.42
CA ASN A 335 9.81 2.63 -36.31
C ASN A 335 9.43 3.87 -35.54
N LYS A 336 8.23 4.41 -35.78
CA LYS A 336 7.78 5.58 -35.03
C LYS A 336 7.75 5.28 -33.54
N ALA A 337 7.21 4.10 -33.17
CA ALA A 337 7.16 3.68 -31.77
C ALA A 337 8.56 3.51 -31.18
N LEU A 338 9.45 2.80 -31.88
CA LEU A 338 10.79 2.59 -31.35
C LEU A 338 11.52 3.90 -31.15
N GLU A 339 11.29 4.87 -32.04
CA GLU A 339 11.90 6.19 -31.89
C GLU A 339 11.39 6.90 -30.65
N LEU A 340 10.09 6.81 -30.37
CA LEU A 340 9.55 7.47 -29.19
C LEU A 340 10.01 6.78 -27.91
N CYS A 341 10.11 5.45 -27.92
CA CYS A 341 10.65 4.75 -26.77
C CYS A 341 12.04 5.25 -26.40
N GLU A 342 12.89 5.50 -27.39
CA GLU A 342 14.24 5.94 -27.08
C GLU A 342 14.24 7.43 -26.69
N ILE A 343 13.41 8.25 -27.33
CA ILE A 343 13.26 9.64 -26.87
C ILE A 343 12.83 9.68 -25.42
N LEU A 344 11.85 8.83 -25.05
CA LEU A 344 11.38 8.78 -23.67
C LEU A 344 12.45 8.20 -22.73
N ALA A 345 13.13 7.12 -23.16
CA ALA A 345 14.11 6.50 -22.27
C ALA A 345 15.33 7.37 -22.09
N LYS A 346 15.77 8.05 -23.15
CA LYS A 346 17.02 8.79 -23.10
C LYS A 346 16.83 10.25 -22.68
N GLU A 347 15.73 10.90 -23.11
CA GLU A 347 15.56 12.31 -22.84
C GLU A 347 14.30 12.67 -22.06
N LYS A 348 13.14 12.17 -22.47
CA LYS A 348 11.89 12.76 -21.99
C LYS A 348 11.41 12.15 -20.68
N ASP A 349 11.58 10.85 -20.48
CA ASP A 349 11.03 10.15 -19.33
C ASP A 349 12.06 9.21 -18.75
N THR A 350 13.24 9.75 -18.44
CA THR A 350 14.39 8.88 -18.17
C THR A 350 14.18 8.01 -16.94
N ILE A 351 13.47 8.49 -15.91
CA ILE A 351 13.21 7.68 -14.71
C ILE A 351 12.65 6.30 -15.06
N ARG A 352 11.98 6.17 -16.21
CA ARG A 352 11.38 4.91 -16.65
C ARG A 352 12.18 4.23 -17.75
N LYS A 353 13.49 4.51 -17.83
CA LYS A 353 14.32 3.99 -18.91
C LYS A 353 14.22 2.46 -19.04
N GLU A 354 14.24 1.74 -17.92
CA GLU A 354 14.09 0.30 -18.01
C GLU A 354 12.74 -0.10 -18.61
N TYR A 355 11.69 0.68 -18.36
CA TYR A 355 10.38 0.36 -18.91
C TYR A 355 10.33 0.62 -20.41
N TRP A 356 10.66 1.84 -20.84
CA TRP A 356 10.59 2.18 -22.26
C TRP A 356 11.54 1.32 -23.09
N ARG A 357 12.70 0.97 -22.53
CA ARG A 357 13.58 0.05 -23.24
C ARG A 357 12.94 -1.33 -23.36
N TYR A 358 12.32 -1.83 -22.29
CA TYR A 358 11.60 -3.09 -22.37
C TYR A 358 10.48 -3.05 -23.41
N ILE A 359 9.74 -1.94 -23.46
CA ILE A 359 8.69 -1.82 -24.46
C ILE A 359 9.28 -1.85 -25.85
N GLY A 360 10.40 -1.15 -26.07
CA GLY A 360 11.04 -1.17 -27.37
C GLY A 360 11.49 -2.56 -27.78
N ARG A 361 11.93 -3.37 -26.82
CA ARG A 361 12.33 -4.74 -27.11
C ARG A 361 11.12 -5.64 -27.37
N SER A 362 10.06 -5.48 -26.58
CA SER A 362 8.80 -6.17 -26.83
C SER A 362 8.30 -5.92 -28.26
N LEU A 363 8.26 -4.65 -28.65
CA LEU A 363 7.75 -4.28 -29.97
C LEU A 363 8.61 -4.87 -31.08
N GLN A 364 9.93 -4.76 -30.95
CA GLN A 364 10.82 -5.39 -31.92
C GLN A 364 10.63 -6.89 -31.92
N SER A 365 10.43 -7.46 -30.72
CA SER A 365 10.45 -8.92 -30.57
C SER A 365 9.32 -9.56 -31.37
N LYS A 366 8.16 -8.92 -31.45
CA LYS A 366 7.02 -9.53 -32.10
C LYS A 366 6.47 -8.76 -33.30
N HIS A 367 6.99 -7.57 -33.63
CA HIS A 367 6.47 -6.84 -34.77
C HIS A 367 7.52 -6.46 -35.82
N SER A 368 8.77 -6.88 -35.68
CA SER A 368 9.69 -6.62 -36.76
C SER A 368 9.33 -7.50 -37.96
N ARG A 369 9.78 -7.08 -39.15
CA ARG A 369 9.51 -7.85 -40.36
C ARG A 369 10.13 -9.25 -40.28
N GLU A 370 11.21 -9.40 -39.52
CA GLU A 370 11.87 -10.70 -39.36
C GLU A 370 11.21 -11.59 -38.31
N SER A 371 10.27 -11.04 -37.51
CA SER A 371 9.76 -11.76 -36.34
C SER A 371 8.93 -12.98 -36.73
N ASP A 372 8.21 -12.90 -37.85
CA ASP A 372 7.42 -14.01 -38.37
C ASP A 372 8.24 -14.95 -39.25
N ILE A 373 9.48 -14.60 -39.56
CA ILE A 373 10.29 -15.27 -40.57
C ILE A 373 11.08 -16.41 -39.95
N PRO A 374 11.16 -17.58 -40.59
CA PRO A 374 11.92 -18.71 -40.03
C PRO A 374 13.41 -18.41 -39.95
N ALA A 375 14.08 -19.20 -39.09
CA ALA A 375 15.51 -19.02 -38.87
C ALA A 375 16.30 -19.29 -40.15
N SER A 376 15.99 -20.40 -40.83
CA SER A 376 16.73 -20.82 -42.01
C SER A 376 16.69 -19.78 -43.13
N VAL A 377 15.67 -18.92 -43.15
CA VAL A 377 15.55 -17.85 -44.14
C VAL A 377 16.67 -16.84 -43.95
N PRO B 17 33.80 11.04 -17.48
CA PRO B 17 34.69 12.21 -17.44
C PRO B 17 34.70 12.88 -16.07
N VAL B 18 35.46 13.96 -15.93
CA VAL B 18 35.61 14.58 -14.62
C VAL B 18 34.47 15.56 -14.35
N TRP B 19 33.90 16.17 -15.39
CA TRP B 19 32.69 16.98 -15.22
C TRP B 19 31.46 16.12 -14.98
N SER B 20 31.56 14.80 -15.10
CA SER B 20 30.40 13.94 -14.97
C SER B 20 30.02 13.72 -13.52
N GLU B 21 28.72 13.81 -13.25
CA GLU B 21 28.15 13.53 -11.94
C GLU B 21 27.63 12.09 -11.91
N PRO B 22 28.13 11.23 -11.02
CA PRO B 22 27.61 9.86 -10.97
C PRO B 22 26.21 9.76 -10.36
N LEU B 23 25.86 10.66 -9.41
CA LEU B 23 24.55 10.65 -8.79
C LEU B 23 23.50 11.23 -9.72
N TYR B 24 22.52 10.39 -10.07
CA TYR B 24 21.44 10.77 -10.96
C TYR B 24 20.70 12.00 -10.44
N SER B 25 20.40 12.01 -9.15
CA SER B 25 19.66 13.13 -8.57
C SER B 25 20.45 14.43 -8.60
N LEU B 26 21.76 14.38 -8.88
CA LEU B 26 22.58 15.57 -8.81
C LEU B 26 23.04 16.09 -10.16
N ARG B 27 22.77 15.39 -11.25
CA ARG B 27 23.15 15.86 -12.56
C ARG B 27 22.44 17.17 -12.91
N PRO B 28 23.03 18.00 -13.78
CA PRO B 28 22.35 19.21 -14.23
C PRO B 28 21.03 18.95 -14.94
N GLU B 29 20.96 17.91 -15.78
CA GLU B 29 19.71 17.61 -16.48
C GLU B 29 18.56 17.45 -15.50
N HIS B 30 18.89 16.98 -14.29
CA HIS B 30 17.88 16.61 -13.33
C HIS B 30 17.00 17.79 -12.95
N ALA B 31 17.52 19.02 -12.99
CA ALA B 31 16.69 20.19 -12.74
C ALA B 31 15.46 20.19 -13.63
N ARG B 32 15.60 19.70 -14.87
CA ARG B 32 14.50 19.70 -15.82
C ARG B 32 13.33 18.83 -15.38
N GLU B 33 13.50 17.97 -14.37
CA GLU B 33 12.44 17.08 -13.91
C GLU B 33 11.54 17.70 -12.85
N ARG B 34 11.73 18.99 -12.54
CA ARG B 34 10.88 19.63 -11.56
C ARG B 34 9.45 19.75 -12.09
N LEU B 35 8.52 19.91 -11.13
CA LEU B 35 7.10 19.99 -11.45
C LEU B 35 6.78 21.13 -12.41
N GLN B 36 6.01 20.82 -13.48
CA GLN B 36 5.43 21.82 -14.35
C GLN B 36 3.95 21.97 -14.04
N ASP B 37 3.57 23.08 -13.42
CA ASP B 37 2.19 23.24 -12.99
C ASP B 37 1.31 23.97 -14.01
N ASP B 38 1.84 24.25 -15.21
CA ASP B 38 1.07 24.81 -16.32
C ASP B 38 0.41 26.13 -15.97
N SER B 39 0.89 26.77 -14.90
CA SER B 39 0.34 28.02 -14.36
C SER B 39 -1.07 27.85 -13.83
N VAL B 40 -1.45 26.61 -13.52
CA VAL B 40 -2.71 26.30 -12.86
C VAL B 40 -2.35 25.76 -11.49
N GLU B 41 -2.48 26.58 -10.45
CA GLU B 41 -2.17 26.17 -9.09
C GLU B 41 -3.38 25.50 -8.48
N THR B 42 -3.23 24.26 -8.04
CA THR B 42 -4.21 23.61 -7.19
C THR B 42 -3.47 22.99 -6.00
N VAL B 43 -4.23 22.50 -5.02
CA VAL B 43 -3.64 22.00 -3.79
C VAL B 43 -2.65 20.88 -4.09
N THR B 44 -2.99 20.00 -5.04
CA THR B 44 -2.08 18.92 -5.40
C THR B 44 -0.73 19.47 -5.86
N SER B 45 -0.74 20.47 -6.75
CA SER B 45 0.51 21.00 -7.28
C SER B 45 1.29 21.75 -6.21
N ILE B 46 0.60 22.56 -5.39
CA ILE B 46 1.26 23.27 -4.31
C ILE B 46 1.97 22.28 -3.38
N GLU B 47 1.26 21.23 -2.98
CA GLU B 47 1.86 20.25 -2.07
C GLU B 47 3.02 19.52 -2.74
N GLN B 48 2.90 19.26 -4.04
CA GLN B 48 3.98 18.59 -4.75
C GLN B 48 5.21 19.49 -4.82
N ALA B 49 5.00 20.78 -5.16
CA ALA B 49 6.09 21.72 -5.24
C ALA B 49 6.81 21.90 -3.90
N LYS B 50 6.04 21.96 -2.80
CA LYS B 50 6.64 22.11 -1.49
C LYS B 50 7.61 20.96 -1.18
N VAL B 51 7.27 19.74 -1.58
CA VAL B 51 8.17 18.60 -1.38
C VAL B 51 9.39 18.73 -2.26
N GLU B 52 9.19 19.01 -3.56
CA GLU B 52 10.32 19.15 -4.46
C GLU B 52 11.26 20.25 -3.99
N GLU B 53 10.70 21.34 -3.47
CA GLU B 53 11.52 22.39 -2.88
C GLU B 53 12.37 21.86 -1.73
N LYS B 54 11.77 21.08 -0.82
CA LYS B 54 12.50 20.52 0.32
C LYS B 54 13.54 19.49 -0.12
N ILE B 55 13.18 18.62 -1.08
CA ILE B 55 14.12 17.62 -1.59
C ILE B 55 15.30 18.28 -2.27
N GLN B 56 15.04 19.36 -3.03
CA GLN B 56 16.13 20.03 -3.76
C GLN B 56 17.17 20.56 -2.78
N GLU B 57 16.74 21.15 -1.65
CA GLU B 57 17.67 21.51 -0.57
C GLU B 57 18.55 20.33 -0.19
N VAL B 58 17.98 19.13 -0.12
CA VAL B 58 18.78 17.96 0.21
C VAL B 58 19.82 17.71 -0.88
N PHE B 59 19.37 17.70 -2.15
CA PHE B 59 20.30 17.39 -3.24
C PHE B 59 21.37 18.46 -3.39
N SER B 60 20.99 19.74 -3.30
CA SER B 60 21.97 20.82 -3.42
C SER B 60 22.90 20.94 -2.21
N SER B 61 22.59 20.29 -1.08
CA SER B 61 23.32 20.54 0.16
C SER B 61 24.82 20.26 0.02
N TYR B 62 25.19 19.26 -0.79
CA TYR B 62 26.61 19.01 -1.01
C TYR B 62 27.27 20.15 -1.78
N LYS B 63 26.67 20.56 -2.91
CA LYS B 63 27.19 21.68 -3.68
C LYS B 63 27.35 22.93 -2.81
N PHE B 64 26.31 23.29 -2.06
CA PHE B 64 26.31 24.55 -1.32
C PHE B 64 27.33 24.54 -0.19
N ASN B 65 27.60 23.37 0.39
CA ASN B 65 28.62 23.19 1.41
C ASN B 65 29.99 22.87 0.85
N HIS B 66 30.10 22.69 -0.47
CA HIS B 66 31.36 22.41 -1.13
C HIS B 66 31.98 21.12 -0.58
N LEU B 67 31.15 20.11 -0.42
CA LEU B 67 31.59 18.77 -0.04
C LEU B 67 31.37 17.83 -1.22
N VAL B 68 32.06 16.69 -1.19
CA VAL B 68 31.79 15.70 -2.23
C VAL B 68 30.76 14.74 -1.65
N PRO B 69 29.71 14.41 -2.39
CA PRO B 69 28.65 13.56 -1.84
C PRO B 69 29.18 12.19 -1.45
N ARG B 70 28.86 11.75 -0.23
CA ARG B 70 29.01 10.35 0.13
C ARG B 70 27.65 9.81 0.56
N LEU B 71 27.26 8.69 -0.04
CA LEU B 71 25.98 8.04 0.23
C LEU B 71 26.26 6.86 1.14
N VAL B 72 26.01 7.05 2.44
CA VAL B 72 26.40 6.08 3.46
C VAL B 72 25.14 5.65 4.20
N LEU B 73 24.89 4.35 4.22
CA LEU B 73 23.84 3.81 5.06
C LEU B 73 24.36 3.75 6.49
N GLN B 74 23.67 4.42 7.40
CA GLN B 74 24.12 4.56 8.79
C GLN B 74 23.77 3.28 9.58
N ARG B 75 24.48 2.20 9.24
CA ARG B 75 24.17 0.91 9.83
C ARG B 75 24.22 0.95 11.34
N GLU B 76 25.32 1.46 11.91
CA GLU B 76 25.47 1.41 13.36
C GLU B 76 24.33 2.16 14.05
N LYS B 77 23.94 3.31 13.47
CA LYS B 77 22.87 4.12 14.05
C LYS B 77 21.52 3.41 14.01
N HIS B 78 21.16 2.81 12.86
CA HIS B 78 19.91 2.06 12.76
C HIS B 78 19.91 0.85 13.67
N PHE B 79 21.04 0.16 13.78
CA PHE B 79 21.12 -0.99 14.66
C PHE B 79 20.81 -0.61 16.10
N HIS B 80 21.39 0.48 16.59
CA HIS B 80 21.12 0.90 17.96
C HIS B 80 19.62 1.16 18.16
N TYR B 81 19.00 1.84 17.20
CA TYR B 81 17.58 2.19 17.24
C TYR B 81 16.71 0.94 17.25
N LEU B 82 17.01 0.00 16.34
CA LEU B 82 16.28 -1.26 16.26
C LEU B 82 16.50 -2.10 17.50
N LYS B 83 17.77 -2.29 17.90
CA LYS B 83 18.10 -3.16 19.02
C LYS B 83 17.31 -2.78 20.26
N ARG B 84 17.11 -1.47 20.48
CA ARG B 84 16.44 -1.02 21.68
C ARG B 84 14.92 -1.14 21.56
N GLY B 85 14.35 -0.79 20.41
CA GLY B 85 12.92 -0.89 20.23
C GLY B 85 12.39 -2.30 20.35
N LEU B 86 13.19 -3.30 19.97
CA LEU B 86 12.79 -4.68 20.13
C LEU B 86 12.47 -5.01 21.57
N ARG B 87 12.98 -4.22 22.50
CA ARG B 87 12.78 -4.41 23.92
C ARG B 87 11.80 -3.42 24.53
N GLN B 88 11.72 -2.19 24.02
CA GLN B 88 11.03 -1.14 24.74
C GLN B 88 10.79 0.04 23.81
N LEU B 89 9.58 0.61 23.91
CA LEU B 89 9.11 1.69 23.04
C LEU B 89 8.55 2.82 23.89
N THR B 90 8.68 4.05 23.42
CA THR B 90 8.09 5.15 24.18
C THR B 90 6.58 5.17 24.00
N ASP B 91 5.90 5.97 24.81
CA ASP B 91 4.46 6.09 24.71
C ASP B 91 4.03 6.64 23.36
N ALA B 92 4.97 7.04 22.53
CA ALA B 92 4.62 7.42 21.17
C ALA B 92 4.02 6.25 20.40
N TYR B 93 4.23 5.03 20.85
CA TYR B 93 3.75 3.86 20.15
C TYR B 93 2.44 3.33 20.74
N GLU B 94 1.77 4.12 21.58
CA GLU B 94 0.44 3.74 22.09
C GLU B 94 -0.55 3.53 20.95
N CYS B 95 -0.43 4.32 19.87
CA CYS B 95 -1.28 4.16 18.70
C CYS B 95 -1.10 2.80 18.03
N LEU B 96 -0.03 2.08 18.35
CA LEU B 96 0.21 0.75 17.79
C LEU B 96 0.07 -0.34 18.84
N ASP B 97 -0.61 -0.05 19.95
CA ASP B 97 -0.86 -1.03 21.00
C ASP B 97 -1.61 -2.27 20.51
N ALA B 98 -2.38 -2.16 19.43
CA ALA B 98 -3.04 -3.31 18.85
C ALA B 98 -2.30 -3.83 17.62
N SER B 99 -1.00 -3.57 17.54
CA SER B 99 -0.21 -3.98 16.40
C SER B 99 1.16 -4.47 16.83
N ARG B 100 1.24 -5.07 18.00
CA ARG B 100 2.55 -5.34 18.53
C ARG B 100 3.29 -6.45 17.81
N PRO B 101 2.63 -7.48 17.26
CA PRO B 101 3.38 -8.39 16.36
C PRO B 101 3.94 -7.68 15.15
N TRP B 102 3.30 -6.60 14.71
CA TRP B 102 3.87 -5.79 13.63
C TRP B 102 5.19 -5.18 14.07
N LEU B 103 5.24 -4.58 15.27
CA LEU B 103 6.50 -4.06 15.75
C LEU B 103 7.55 -5.16 15.80
N CYS B 104 7.14 -6.39 16.15
CA CYS B 104 8.10 -7.49 16.13
C CYS B 104 8.60 -7.74 14.72
N TYR B 105 7.70 -7.80 13.75
CA TYR B 105 8.12 -8.15 12.40
C TYR B 105 8.97 -7.06 11.77
N TRP B 106 8.59 -5.79 11.95
CA TRP B 106 9.33 -4.68 11.34
C TRP B 106 10.76 -4.61 11.90
N ILE B 107 10.91 -4.79 13.20
CA ILE B 107 12.22 -4.64 13.81
C ILE B 107 13.08 -5.84 13.49
N LEU B 108 12.52 -7.04 13.66
CA LEU B 108 13.26 -8.26 13.31
C LEU B 108 13.67 -8.26 11.85
N HIS B 109 12.78 -7.81 10.95
CA HIS B 109 13.14 -7.83 9.53
C HIS B 109 14.15 -6.74 9.18
N SER B 110 14.12 -5.59 9.86
CA SER B 110 15.16 -4.59 9.63
C SER B 110 16.51 -5.11 10.07
N LEU B 111 16.57 -5.72 11.26
CA LEU B 111 17.82 -6.33 11.73
C LEU B 111 18.32 -7.41 10.78
N GLU B 112 17.41 -8.20 10.25
CA GLU B 112 17.78 -9.23 9.28
C GLU B 112 18.42 -8.62 8.04
N LEU B 113 17.77 -7.62 7.44
CA LEU B 113 18.34 -6.93 6.29
C LEU B 113 19.71 -6.31 6.60
N LEU B 114 19.89 -5.82 7.83
CA LEU B 114 21.19 -5.25 8.23
C LEU B 114 22.19 -6.32 8.64
N ASP B 115 21.85 -7.60 8.43
CA ASP B 115 22.72 -8.74 8.75
C ASP B 115 23.19 -8.72 10.20
N GLU B 116 22.24 -8.54 11.10
CA GLU B 116 22.44 -8.47 12.55
C GLU B 116 21.90 -9.73 13.17
N PRO B 117 22.70 -10.48 13.92
CA PRO B 117 22.19 -11.73 14.50
C PRO B 117 21.09 -11.45 15.52
N ILE B 118 20.16 -12.40 15.64
CA ILE B 118 19.10 -12.34 16.62
C ILE B 118 19.51 -13.24 17.80
N PRO B 119 19.88 -12.67 18.94
CA PRO B 119 20.36 -13.51 20.06
C PRO B 119 19.32 -14.55 20.45
N GLN B 120 19.80 -15.73 20.86
CA GLN B 120 18.86 -16.79 21.17
C GLN B 120 18.02 -16.45 22.38
N ILE B 121 18.43 -15.46 23.18
CA ILE B 121 17.59 -15.00 24.28
C ILE B 121 16.50 -14.07 23.79
N VAL B 122 16.80 -13.25 22.77
CA VAL B 122 15.76 -12.43 22.15
C VAL B 122 14.78 -13.30 21.37
N ALA B 123 15.30 -14.28 20.61
CA ALA B 123 14.44 -15.14 19.83
C ALA B 123 13.40 -15.84 20.70
N THR B 124 13.81 -16.36 21.85
CA THR B 124 12.88 -17.11 22.71
C THR B 124 11.89 -16.19 23.43
N ASP B 125 12.32 -14.97 23.79
CA ASP B 125 11.39 -14.02 24.39
C ASP B 125 10.33 -13.59 23.40
N VAL B 126 10.71 -13.45 22.12
CA VAL B 126 9.72 -13.13 21.09
C VAL B 126 8.74 -14.28 20.95
N CYS B 127 9.26 -15.50 20.90
CA CYS B 127 8.40 -16.68 20.85
C CYS B 127 7.41 -16.68 22.00
N GLN B 128 7.88 -16.40 23.22
CA GLN B 128 6.96 -16.40 24.35
C GLN B 128 5.91 -15.30 24.19
N PHE B 129 6.26 -14.18 23.57
CA PHE B 129 5.32 -13.07 23.48
C PHE B 129 4.23 -13.32 22.44
N LEU B 130 4.61 -13.80 21.25
CA LEU B 130 3.62 -14.08 20.23
C LEU B 130 2.72 -15.24 20.66
N GLU B 131 3.26 -16.17 21.45
CA GLU B 131 2.46 -17.21 22.08
C GLU B 131 1.33 -16.61 22.89
N LEU B 132 1.62 -15.52 23.61
CA LEU B 132 0.60 -14.83 24.40
C LEU B 132 -0.36 -14.05 23.52
N CYS B 133 0.08 -13.64 22.34
CA CYS B 133 -0.81 -12.98 21.39
C CYS B 133 -1.66 -13.97 20.61
N GLN B 134 -1.36 -15.26 20.67
CA GLN B 134 -2.12 -16.22 19.89
C GLN B 134 -3.45 -16.51 20.58
N SER B 135 -4.51 -16.56 19.77
CA SER B 135 -5.86 -16.77 20.27
C SER B 135 -6.16 -18.26 20.38
N PRO B 136 -6.89 -18.68 21.42
CA PRO B 136 -7.25 -20.10 21.54
C PRO B 136 -8.03 -20.62 20.35
N ASP B 137 -8.61 -19.73 19.54
CA ASP B 137 -9.43 -20.14 18.41
C ASP B 137 -8.76 -19.82 17.08
N GLY B 138 -7.44 -19.81 17.05
CA GLY B 138 -6.70 -19.55 15.83
C GLY B 138 -6.33 -18.08 15.69
N GLY B 139 -5.27 -17.82 14.93
CA GLY B 139 -4.85 -16.47 14.65
C GLY B 139 -4.09 -15.84 15.81
N PHE B 140 -3.51 -14.67 15.52
CA PHE B 140 -2.85 -13.87 16.53
C PHE B 140 -3.56 -12.53 16.64
N GLY B 141 -3.49 -11.93 17.83
CA GLY B 141 -4.03 -10.60 18.06
C GLY B 141 -2.93 -9.56 18.15
N GLY B 142 -3.35 -8.30 18.20
CA GLY B 142 -2.41 -7.19 18.27
C GLY B 142 -1.62 -7.10 19.55
N GLY B 143 -1.99 -7.90 20.54
CA GLY B 143 -1.31 -7.91 21.80
C GLY B 143 -1.91 -9.03 22.62
N PRO B 144 -1.38 -9.29 23.81
CA PRO B 144 -1.95 -10.34 24.64
C PRO B 144 -3.37 -9.96 25.06
N GLY B 145 -4.26 -10.95 25.01
CA GLY B 145 -5.64 -10.78 25.41
C GLY B 145 -6.55 -10.18 24.36
N GLN B 146 -6.01 -9.80 23.22
CA GLN B 146 -6.81 -9.22 22.17
C GLN B 146 -7.36 -10.30 21.26
N TYR B 147 -8.46 -9.98 20.58
CA TYR B 147 -9.04 -10.89 19.63
C TYR B 147 -8.10 -11.04 18.43
N PRO B 148 -8.18 -12.16 17.71
CA PRO B 148 -7.29 -12.34 16.56
C PRO B 148 -7.71 -11.46 15.39
N HIS B 149 -6.75 -11.26 14.49
CA HIS B 149 -6.88 -10.32 13.39
C HIS B 149 -5.89 -10.76 12.34
N LEU B 150 -6.29 -10.72 11.07
CA LEU B 150 -5.39 -11.23 10.03
C LEU B 150 -4.08 -10.43 9.93
N ALA B 151 -4.10 -9.12 10.25
CA ALA B 151 -2.88 -8.34 10.06
C ALA B 151 -1.83 -8.65 11.13
N PRO B 152 -2.13 -8.65 12.44
CA PRO B 152 -1.12 -9.14 13.38
C PRO B 152 -0.83 -10.64 13.21
N THR B 153 -1.72 -11.39 12.58
CA THR B 153 -1.45 -12.80 12.30
C THR B 153 -0.41 -12.96 11.23
N TYR B 154 -0.50 -12.16 10.16
CA TYR B 154 0.52 -12.17 9.12
C TYR B 154 1.87 -11.74 9.69
N ALA B 155 1.85 -10.73 10.56
CA ALA B 155 3.11 -10.24 11.12
C ALA B 155 3.73 -11.26 12.06
N ALA B 156 2.92 -11.93 12.89
CA ALA B 156 3.48 -12.90 13.82
C ALA B 156 4.06 -14.09 13.09
N VAL B 157 3.38 -14.56 12.06
CA VAL B 157 3.90 -15.71 11.34
C VAL B 157 5.19 -15.33 10.64
N ASN B 158 5.27 -14.10 10.13
CA ASN B 158 6.50 -13.63 9.51
C ASN B 158 7.63 -13.54 10.55
N ALA B 159 7.37 -12.89 11.68
CA ALA B 159 8.40 -12.73 12.70
C ALA B 159 8.88 -14.09 13.19
N LEU B 160 7.95 -15.05 13.32
CA LEU B 160 8.31 -16.40 13.74
C LEU B 160 9.15 -17.12 12.69
N CYS B 161 8.92 -16.89 11.40
CA CYS B 161 9.78 -17.47 10.37
C CYS B 161 11.14 -16.80 10.28
N ILE B 162 11.21 -15.50 10.61
CA ILE B 162 12.51 -14.83 10.64
C ILE B 162 13.39 -15.46 11.71
N ILE B 163 12.84 -15.70 12.91
CA ILE B 163 13.59 -16.42 13.92
C ILE B 163 13.90 -17.83 13.43
N GLY B 164 12.90 -18.52 12.91
CA GLY B 164 13.12 -19.77 12.20
C GLY B 164 13.73 -20.91 12.99
N THR B 165 13.74 -20.81 14.32
CA THR B 165 14.13 -21.94 15.13
C THR B 165 12.98 -22.93 15.24
N GLU B 166 13.31 -24.14 15.70
CA GLU B 166 12.29 -25.14 15.96
C GLU B 166 11.27 -24.61 16.97
N GLU B 167 11.74 -23.88 17.98
CA GLU B 167 10.82 -23.28 18.95
C GLU B 167 9.86 -22.32 18.28
N ALA B 168 10.37 -21.45 17.41
CA ALA B 168 9.53 -20.45 16.78
C ALA B 168 8.44 -21.10 15.95
N TYR B 169 8.80 -22.11 15.14
CA TYR B 169 7.81 -22.73 14.26
C TYR B 169 6.67 -23.33 15.06
N ASN B 170 6.97 -23.92 16.22
CA ASN B 170 5.97 -24.65 17.01
C ASN B 170 5.01 -23.74 17.77
N VAL B 171 5.28 -22.43 17.84
CA VAL B 171 4.32 -21.52 18.44
C VAL B 171 3.00 -21.59 17.68
N ILE B 172 3.05 -21.82 16.38
CA ILE B 172 1.86 -21.68 15.53
C ILE B 172 0.93 -22.88 15.74
N ASN B 173 -0.31 -22.59 16.13
CA ASN B 173 -1.36 -23.59 16.15
C ASN B 173 -1.91 -23.65 14.74
N ARG B 174 -1.37 -24.60 13.95
CA ARG B 174 -1.76 -24.73 12.54
C ARG B 174 -3.19 -25.19 12.38
N GLU B 175 -3.63 -26.15 13.21
CA GLU B 175 -5.00 -26.65 13.14
C GLU B 175 -5.99 -25.52 13.41
N LYS B 176 -5.79 -24.77 14.49
CA LYS B 176 -6.70 -23.68 14.82
C LYS B 176 -6.54 -22.52 13.84
N LEU B 177 -5.31 -22.28 13.37
CA LEU B 177 -5.10 -21.17 12.42
C LEU B 177 -5.94 -21.37 11.16
N LEU B 178 -6.00 -22.61 10.66
CA LEU B 178 -6.84 -22.90 9.51
C LEU B 178 -8.32 -22.70 9.84
N GLN B 179 -8.73 -23.08 11.05
CA GLN B 179 -10.10 -22.81 11.49
C GLN B 179 -10.41 -21.32 11.48
N TYR B 180 -9.50 -20.51 12.02
CA TYR B 180 -9.67 -19.06 11.99
C TYR B 180 -9.86 -18.56 10.56
N LEU B 181 -9.02 -19.00 9.63
CA LEU B 181 -9.10 -18.50 8.25
C LEU B 181 -10.44 -18.82 7.63
N TYR B 182 -10.91 -20.05 7.81
CA TYR B 182 -12.18 -20.47 7.25
C TYR B 182 -13.32 -19.62 7.79
N SER B 183 -13.21 -19.15 9.03
CA SER B 183 -14.28 -18.39 9.68
C SER B 183 -14.39 -16.98 9.14
N LEU B 184 -13.34 -16.49 8.47
CA LEU B 184 -13.34 -15.18 7.85
C LEU B 184 -13.66 -15.24 6.37
N LYS B 185 -13.61 -16.42 5.76
CA LYS B 185 -13.83 -16.54 4.32
C LYS B 185 -15.28 -16.20 4.01
N GLN B 186 -15.46 -15.36 3.04
CA GLN B 186 -16.68 -14.79 2.48
C GLN B 186 -17.10 -15.52 1.20
N PRO B 187 -18.39 -15.59 0.90
CA PRO B 187 -18.82 -16.31 -0.32
C PRO B 187 -18.30 -15.71 -1.62
N ASP B 188 -18.14 -14.38 -1.73
CA ASP B 188 -17.65 -13.83 -2.99
C ASP B 188 -16.16 -14.09 -3.22
N GLY B 189 -15.50 -14.76 -2.27
CA GLY B 189 -14.09 -15.11 -2.38
C GLY B 189 -13.15 -14.25 -1.55
N SER B 190 -13.65 -13.20 -0.92
CA SER B 190 -12.84 -12.33 -0.08
C SER B 190 -12.71 -12.92 1.33
N PHE B 191 -12.06 -12.17 2.22
CA PHE B 191 -11.92 -12.53 3.62
C PHE B 191 -12.23 -11.32 4.48
N LEU B 192 -12.71 -11.56 5.70
CA LEU B 192 -12.70 -10.51 6.70
C LEU B 192 -11.31 -10.38 7.34
N MET B 193 -10.98 -9.16 7.77
CA MET B 193 -9.74 -8.99 8.53
C MET B 193 -9.85 -9.65 9.90
N HIS B 194 -11.05 -9.66 10.48
CA HIS B 194 -11.32 -10.26 11.77
C HIS B 194 -12.83 -10.38 11.91
N VAL B 195 -13.26 -11.12 12.92
CA VAL B 195 -14.69 -11.34 13.13
C VAL B 195 -15.38 -10.00 13.38
N GLY B 196 -16.38 -9.70 12.58
CA GLY B 196 -17.03 -8.40 12.63
C GLY B 196 -16.29 -7.28 11.95
N GLY B 197 -15.23 -7.56 11.19
CA GLY B 197 -14.39 -6.55 10.62
C GLY B 197 -14.72 -6.24 9.17
N GLU B 198 -13.85 -5.45 8.56
CA GLU B 198 -13.99 -5.01 7.19
C GLU B 198 -13.34 -5.99 6.22
N VAL B 199 -13.64 -5.82 4.94
CA VAL B 199 -13.09 -6.65 3.86
C VAL B 199 -12.34 -5.75 2.91
N ASP B 200 -11.04 -6.01 2.73
CA ASP B 200 -10.31 -5.41 1.63
C ASP B 200 -9.14 -6.35 1.30
N VAL B 201 -8.48 -6.05 0.19
CA VAL B 201 -7.51 -6.97 -0.38
C VAL B 201 -6.34 -7.29 0.58
N ARG B 202 -6.18 -6.56 1.69
CA ARG B 202 -5.14 -6.93 2.64
C ARG B 202 -5.40 -8.33 3.23
N SER B 203 -6.67 -8.68 3.48
CA SER B 203 -6.96 -9.97 4.10
C SER B 203 -6.56 -11.11 3.18
N ALA B 204 -6.78 -10.95 1.86
CA ALA B 204 -6.39 -12.00 0.91
C ALA B 204 -4.89 -12.26 0.98
N TYR B 205 -4.08 -11.20 0.98
CA TYR B 205 -2.64 -11.37 1.07
C TYR B 205 -2.26 -11.98 2.42
N CYS B 206 -2.80 -11.45 3.51
CA CYS B 206 -2.47 -11.97 4.83
C CYS B 206 -2.78 -13.45 4.94
N ALA B 207 -3.98 -13.85 4.52
CA ALA B 207 -4.40 -15.25 4.62
C ALA B 207 -3.51 -16.17 3.79
N ALA B 208 -3.20 -15.79 2.55
CA ALA B 208 -2.41 -16.68 1.70
C ALA B 208 -0.98 -16.79 2.18
N SER B 209 -0.42 -15.70 2.71
CA SER B 209 0.95 -15.72 3.21
C SER B 209 1.10 -16.72 4.35
N VAL B 210 0.31 -16.58 5.41
CA VAL B 210 0.43 -17.50 6.54
C VAL B 210 0.09 -18.92 6.10
N ALA B 211 -0.92 -19.07 5.23
CA ALA B 211 -1.39 -20.39 4.88
C ALA B 211 -0.38 -21.14 4.02
N SER B 212 0.33 -20.43 3.15
CA SER B 212 1.34 -21.08 2.34
C SER B 212 2.63 -21.34 3.11
N LEU B 213 3.04 -20.40 3.98
CA LEU B 213 4.24 -20.63 4.79
C LEU B 213 4.07 -21.84 5.68
N THR B 214 2.92 -21.94 6.35
CA THR B 214 2.67 -23.00 7.33
C THR B 214 2.09 -24.27 6.72
N ASN B 215 1.82 -24.28 5.41
CA ASN B 215 1.27 -25.45 4.73
C ASN B 215 -0.10 -25.88 5.27
N ILE B 216 -1.08 -24.98 5.16
CA ILE B 216 -2.42 -25.31 5.63
C ILE B 216 -3.45 -25.03 4.55
N ILE B 217 -2.98 -24.83 3.30
CA ILE B 217 -3.88 -24.56 2.19
C ILE B 217 -4.59 -25.84 1.76
N THR B 218 -5.90 -25.79 1.75
CA THR B 218 -6.78 -26.88 1.36
C THR B 218 -7.29 -26.63 -0.04
N PRO B 219 -7.92 -27.63 -0.66
CA PRO B 219 -8.36 -27.47 -2.05
C PRO B 219 -9.46 -26.42 -2.26
N ASP B 220 -10.15 -25.99 -1.21
CA ASP B 220 -11.25 -25.04 -1.37
C ASP B 220 -11.08 -23.77 -0.52
N LEU B 221 -9.94 -23.62 0.16
CA LEU B 221 -9.77 -22.49 1.08
C LEU B 221 -9.90 -21.16 0.33
N PHE B 222 -9.20 -21.04 -0.81
CA PHE B 222 -9.15 -19.81 -1.59
C PHE B 222 -10.01 -19.87 -2.86
N GLU B 223 -11.09 -20.66 -2.85
CA GLU B 223 -12.03 -20.68 -3.95
C GLU B 223 -12.55 -19.28 -4.21
N GLY B 224 -12.47 -18.83 -5.45
CA GLY B 224 -12.98 -17.53 -5.81
C GLY B 224 -12.18 -16.36 -5.28
N THR B 225 -11.09 -16.59 -4.53
CA THR B 225 -10.27 -15.48 -4.05
C THR B 225 -9.50 -14.83 -5.21
N ALA B 226 -8.90 -15.64 -6.09
CA ALA B 226 -8.20 -15.05 -7.22
C ALA B 226 -9.14 -14.17 -8.03
N GLU B 227 -10.37 -14.64 -8.21
CA GLU B 227 -11.37 -13.91 -8.97
C GLU B 227 -11.81 -12.63 -8.26
N TRP B 228 -11.87 -12.63 -6.92
CA TRP B 228 -12.21 -11.42 -6.20
C TRP B 228 -11.10 -10.37 -6.30
N ILE B 229 -9.84 -10.80 -6.13
CA ILE B 229 -8.69 -9.91 -6.25
C ILE B 229 -8.65 -9.25 -7.61
N ALA B 230 -8.95 -10.01 -8.67
CA ALA B 230 -8.90 -9.46 -10.00
C ALA B 230 -9.94 -8.37 -10.21
N ARG B 231 -11.11 -8.47 -9.56
CA ARG B 231 -12.11 -7.40 -9.62
C ARG B 231 -11.62 -6.12 -8.98
N CYS B 232 -10.54 -6.17 -8.18
CA CYS B 232 -9.99 -4.97 -7.55
C CYS B 232 -9.04 -4.19 -8.46
N GLN B 233 -8.57 -4.80 -9.55
CA GLN B 233 -7.84 -4.02 -10.55
C GLN B 233 -8.81 -3.11 -11.28
N ASN B 234 -8.53 -1.80 -11.28
CA ASN B 234 -9.40 -0.77 -11.85
C ASN B 234 -8.79 -0.18 -13.12
N TRP B 235 -9.43 0.87 -13.63
CA TRP B 235 -9.08 1.50 -14.90
C TRP B 235 -7.65 2.04 -14.93
N GLU B 236 -6.98 2.11 -13.79
CA GLU B 236 -5.63 2.62 -13.74
C GLU B 236 -4.57 1.55 -14.00
N GLY B 237 -4.90 0.28 -13.81
CA GLY B 237 -3.98 -0.82 -13.93
C GLY B 237 -3.45 -1.30 -12.61
N GLY B 238 -3.52 -0.47 -11.57
CA GLY B 238 -3.27 -0.91 -10.22
C GLY B 238 -4.49 -1.57 -9.62
N ILE B 239 -4.41 -1.80 -8.32
CA ILE B 239 -5.45 -2.49 -7.55
C ILE B 239 -5.90 -1.58 -6.42
N GLY B 240 -7.23 -1.44 -6.26
CA GLY B 240 -7.79 -0.78 -5.09
C GLY B 240 -8.11 -1.75 -3.95
N GLY B 241 -8.52 -1.19 -2.81
CA GLY B 241 -8.79 -2.03 -1.64
C GLY B 241 -9.97 -2.96 -1.84
N VAL B 242 -11.05 -2.44 -2.41
CA VAL B 242 -12.25 -3.19 -2.77
C VAL B 242 -12.56 -2.82 -4.22
N PRO B 243 -13.40 -3.56 -4.93
CA PRO B 243 -13.72 -3.20 -6.31
C PRO B 243 -14.29 -1.79 -6.43
N GLY B 244 -13.73 -1.03 -7.39
CA GLY B 244 -14.13 0.33 -7.67
C GLY B 244 -13.28 1.41 -7.02
N MET B 245 -12.40 1.06 -6.07
CA MET B 245 -11.63 2.08 -5.39
C MET B 245 -10.34 2.40 -6.14
N GLU B 246 -9.82 3.59 -5.85
CA GLU B 246 -8.60 4.09 -6.48
C GLU B 246 -7.43 3.13 -6.26
N ALA B 247 -6.61 2.97 -7.29
CA ALA B 247 -5.46 2.09 -7.20
C ALA B 247 -4.45 2.63 -6.18
N HIS B 248 -3.86 1.73 -5.40
CA HIS B 248 -2.89 2.15 -4.39
C HIS B 248 -1.77 1.11 -4.29
N GLY B 249 -0.60 1.60 -3.93
CA GLY B 249 0.56 0.73 -3.89
C GLY B 249 0.44 -0.38 -2.88
N GLY B 250 -0.11 -0.08 -1.70
CA GLY B 250 -0.19 -1.11 -0.68
C GLY B 250 -1.16 -2.20 -1.07
N TYR B 251 -2.31 -1.81 -1.59
CA TYR B 251 -3.29 -2.79 -2.04
C TYR B 251 -2.81 -3.53 -3.27
N THR B 252 -2.05 -2.85 -4.15
CA THR B 252 -1.58 -3.50 -5.36
C THR B 252 -0.51 -4.54 -5.04
N PHE B 253 0.42 -4.23 -4.13
CA PHE B 253 1.34 -5.25 -3.66
C PHE B 253 0.58 -6.43 -3.05
N CYS B 254 -0.38 -6.15 -2.17
CA CYS B 254 -1.21 -7.20 -1.57
C CYS B 254 -1.89 -8.05 -2.63
N GLY B 255 -2.48 -7.39 -3.63
CA GLY B 255 -3.25 -8.12 -4.62
C GLY B 255 -2.40 -9.01 -5.50
N LEU B 256 -1.27 -8.46 -5.96
CA LEU B 256 -0.39 -9.23 -6.86
C LEU B 256 0.42 -10.28 -6.09
N ALA B 257 0.85 -9.96 -4.87
CA ALA B 257 1.57 -10.97 -4.09
C ALA B 257 0.66 -12.15 -3.74
N ALA B 258 -0.60 -11.86 -3.42
CA ALA B 258 -1.55 -12.93 -3.11
C ALA B 258 -1.74 -13.85 -4.31
N LEU B 259 -1.91 -13.28 -5.50
CA LEU B 259 -2.08 -14.11 -6.70
C LEU B 259 -0.84 -14.93 -7.02
N VAL B 260 0.37 -14.39 -6.77
CA VAL B 260 1.58 -15.17 -7.01
C VAL B 260 1.57 -16.40 -6.10
N ILE B 261 1.17 -16.22 -4.85
CA ILE B 261 1.06 -17.35 -3.92
C ILE B 261 0.06 -18.38 -4.45
N LEU B 262 -1.07 -17.92 -5.00
CA LEU B 262 -2.11 -18.79 -5.54
C LEU B 262 -1.82 -19.25 -6.97
N LYS B 263 -0.71 -18.83 -7.57
CA LYS B 263 -0.38 -19.15 -8.97
C LYS B 263 -1.49 -18.71 -9.93
N LYS B 264 -1.99 -17.48 -9.71
CA LYS B 264 -3.08 -16.94 -10.51
C LYS B 264 -2.79 -15.53 -11.00
N GLU B 265 -1.51 -15.13 -11.07
CA GLU B 265 -1.17 -13.78 -11.50
C GLU B 265 -1.75 -13.45 -12.88
N ARG B 266 -1.96 -14.46 -13.72
CA ARG B 266 -2.53 -14.23 -15.04
C ARG B 266 -4.00 -13.80 -14.98
N SER B 267 -4.68 -13.93 -13.82
CA SER B 267 -6.01 -13.36 -13.69
C SER B 267 -5.99 -11.85 -13.93
N LEU B 268 -4.91 -11.19 -13.53
CA LEU B 268 -4.73 -9.76 -13.72
C LEU B 268 -4.32 -9.44 -15.16
N ASN B 269 -4.51 -8.19 -15.52
CA ASN B 269 -3.97 -7.61 -16.76
C ASN B 269 -2.59 -7.08 -16.41
N LEU B 270 -1.56 -7.92 -16.60
CA LEU B 270 -0.25 -7.60 -16.04
C LEU B 270 0.40 -6.44 -16.77
N LYS B 271 0.08 -6.25 -18.05
CA LYS B 271 0.64 -5.15 -18.82
C LYS B 271 0.18 -3.80 -18.25
N SER B 272 -1.13 -3.62 -18.08
CA SER B 272 -1.61 -2.34 -17.58
C SER B 272 -1.19 -2.10 -16.13
N LEU B 273 -0.87 -3.16 -15.40
CA LEU B 273 -0.34 -3.01 -14.04
C LEU B 273 1.13 -2.60 -14.08
N LEU B 274 1.93 -3.27 -14.93
CA LEU B 274 3.33 -2.84 -15.10
C LEU B 274 3.38 -1.37 -15.48
N GLN B 275 2.54 -0.96 -16.41
CA GLN B 275 2.52 0.44 -16.82
C GLN B 275 2.14 1.36 -15.65
N TRP B 276 1.23 0.90 -14.78
CA TRP B 276 0.80 1.72 -13.67
C TRP B 276 1.91 1.91 -12.64
N VAL B 277 2.56 0.82 -12.22
CA VAL B 277 3.51 0.95 -11.11
C VAL B 277 4.74 1.75 -11.53
N THR B 278 5.25 1.53 -12.75
CA THR B 278 6.43 2.27 -13.17
C THR B 278 6.17 3.78 -13.23
N SER B 279 4.90 4.19 -13.35
CA SER B 279 4.56 5.60 -13.40
C SER B 279 4.43 6.22 -12.01
N ARG B 280 4.48 5.40 -10.97
CA ARG B 280 4.45 5.84 -9.59
C ARG B 280 5.83 6.20 -9.06
N GLN B 281 6.88 6.00 -9.85
CA GLN B 281 8.17 6.53 -9.48
C GLN B 281 8.23 7.98 -9.89
N MET B 282 8.76 8.82 -8.99
CA MET B 282 8.75 10.28 -9.14
C MET B 282 9.97 10.70 -9.93
N ARG B 283 9.76 11.39 -11.05
CA ARG B 283 10.86 11.75 -11.94
C ARG B 283 11.91 12.60 -11.23
N PHE B 284 11.48 13.48 -10.33
CA PHE B 284 12.40 14.33 -9.59
C PHE B 284 12.96 13.61 -8.36
N GLU B 285 12.08 13.17 -7.46
CA GLU B 285 12.54 12.74 -6.14
C GLU B 285 13.20 11.37 -6.15
N GLY B 286 12.80 10.47 -7.06
CA GLY B 286 13.42 9.18 -7.22
C GLY B 286 12.76 8.04 -6.47
N GLY B 287 12.01 8.34 -5.41
CA GLY B 287 11.16 7.37 -4.75
C GLY B 287 9.79 7.27 -5.40
N PHE B 288 8.89 6.58 -4.71
CA PHE B 288 7.57 6.28 -5.23
C PHE B 288 6.46 6.96 -4.44
N GLN B 289 5.41 7.37 -5.15
CA GLN B 289 4.14 7.76 -4.56
C GLN B 289 3.27 6.51 -4.35
N GLY B 290 2.30 6.62 -3.42
CA GLY B 290 1.34 5.55 -3.22
C GLY B 290 0.22 5.53 -4.22
N ARG B 291 -0.04 6.67 -4.87
CA ARG B 291 -1.05 6.75 -5.90
C ARG B 291 -0.84 8.01 -6.69
N CYS B 292 -1.40 8.01 -7.90
CA CYS B 292 -1.23 9.09 -8.84
C CYS B 292 -1.63 10.43 -8.21
N ASN B 293 -0.76 11.43 -8.39
CA ASN B 293 -0.95 12.81 -7.94
C ASN B 293 -0.96 12.96 -6.42
N LYS B 294 -0.31 12.04 -5.70
CA LYS B 294 0.02 12.23 -4.29
C LYS B 294 1.54 12.32 -4.10
N LEU B 295 1.97 12.30 -2.84
CA LEU B 295 3.35 12.61 -2.53
C LEU B 295 4.21 11.36 -2.42
N VAL B 296 5.51 11.55 -2.67
CA VAL B 296 6.51 10.51 -2.55
C VAL B 296 6.63 10.07 -1.07
N ASP B 297 6.95 8.80 -0.85
CA ASP B 297 7.05 8.26 0.50
C ASP B 297 8.00 7.06 0.49
N GLY B 298 8.97 7.07 1.40
CA GLY B 298 9.99 6.04 1.42
C GLY B 298 9.47 4.63 1.65
N CYS B 299 8.28 4.48 2.25
CA CYS B 299 7.80 3.12 2.48
C CYS B 299 7.29 2.48 1.19
N TYR B 300 6.82 3.28 0.24
CA TYR B 300 6.49 2.73 -1.07
C TYR B 300 7.72 2.26 -1.83
N SER B 301 8.93 2.57 -1.34
CA SER B 301 10.12 1.89 -1.88
C SER B 301 9.94 0.39 -1.83
N PHE B 302 9.13 -0.13 -0.91
CA PHE B 302 8.81 -1.54 -0.94
C PHE B 302 7.47 -1.85 -1.59
N TRP B 303 6.40 -1.18 -1.17
CA TRP B 303 5.07 -1.55 -1.64
C TRP B 303 4.94 -1.37 -3.15
N GLN B 304 5.49 -0.28 -3.70
CA GLN B 304 5.48 -0.12 -5.15
C GLN B 304 6.64 -0.82 -5.83
N ALA B 305 7.89 -0.58 -5.43
CA ALA B 305 9.00 -1.15 -6.20
C ALA B 305 9.08 -2.66 -6.04
N GLY B 306 8.59 -3.18 -4.90
CA GLY B 306 8.48 -4.63 -4.73
C GLY B 306 7.58 -5.29 -5.75
N LEU B 307 6.77 -4.51 -6.44
CA LEU B 307 5.84 -5.09 -7.41
C LEU B 307 6.59 -5.49 -8.66
N LEU B 308 7.82 -5.04 -8.83
CA LEU B 308 8.51 -5.27 -10.12
C LEU B 308 9.17 -6.63 -10.21
N PRO B 309 9.73 -7.21 -9.14
CA PRO B 309 10.26 -8.55 -9.21
C PRO B 309 9.12 -9.55 -9.39
N LEU B 310 7.96 -9.28 -8.83
CA LEU B 310 6.76 -10.10 -8.98
C LEU B 310 6.33 -10.03 -10.42
N LEU B 311 6.31 -8.84 -11.00
CA LEU B 311 5.97 -8.73 -12.41
C LEU B 311 7.00 -9.43 -13.28
N HIS B 312 8.29 -9.23 -12.98
CA HIS B 312 9.36 -9.87 -13.73
C HIS B 312 9.19 -11.40 -13.74
N ARG B 313 8.90 -11.99 -12.58
CA ARG B 313 8.75 -13.43 -12.47
C ARG B 313 7.54 -13.93 -13.25
N ALA B 314 6.46 -13.15 -13.28
CA ALA B 314 5.24 -13.57 -13.97
C ALA B 314 5.44 -13.53 -15.49
N LEU B 315 6.00 -12.44 -16.00
CA LEU B 315 6.22 -12.32 -17.44
C LEU B 315 7.30 -13.29 -17.91
N HIS B 316 8.27 -13.58 -17.05
CA HIS B 316 9.26 -14.60 -17.39
C HIS B 316 8.64 -15.98 -17.38
N ALA B 317 7.61 -16.19 -16.56
CA ALA B 317 6.88 -17.45 -16.53
C ALA B 317 6.01 -17.64 -17.76
N GLN B 318 5.74 -16.56 -18.50
CA GLN B 318 5.05 -16.64 -19.79
C GLN B 318 6.01 -16.51 -20.96
N GLY B 319 7.30 -16.70 -20.71
CA GLY B 319 8.29 -16.65 -21.77
C GLY B 319 8.40 -15.33 -22.47
N ASP B 320 8.09 -14.22 -21.80
CA ASP B 320 8.33 -12.91 -22.37
C ASP B 320 9.82 -12.79 -22.69
N PRO B 321 10.20 -12.68 -23.97
CA PRO B 321 11.63 -12.71 -24.31
C PRO B 321 12.34 -11.37 -24.12
N ALA B 322 11.59 -10.27 -23.95
CA ALA B 322 12.16 -8.94 -23.89
C ALA B 322 12.61 -8.53 -22.49
N LEU B 323 12.37 -9.37 -21.48
CA LEU B 323 12.77 -9.03 -20.12
C LEU B 323 14.27 -8.83 -19.99
N SER B 324 14.66 -7.79 -19.27
CA SER B 324 16.06 -7.61 -18.91
C SER B 324 16.53 -8.78 -18.04
N MET B 325 17.80 -9.15 -18.21
CA MET B 325 18.44 -10.14 -17.36
C MET B 325 19.41 -9.50 -16.38
N SER B 326 19.34 -8.18 -16.18
CA SER B 326 20.17 -7.55 -15.16
C SER B 326 19.48 -6.47 -14.31
N HIS B 327 18.32 -5.95 -14.69
CA HIS B 327 17.70 -4.90 -13.88
C HIS B 327 16.21 -5.12 -13.72
N TRP B 328 15.67 -4.70 -12.58
CA TRP B 328 14.24 -4.51 -12.43
C TRP B 328 13.76 -3.37 -13.33
N MET B 329 12.47 -3.34 -13.60
CA MET B 329 11.91 -2.32 -14.49
C MET B 329 11.48 -1.06 -13.75
N PHE B 330 12.40 -0.53 -12.94
CA PHE B 330 12.30 0.81 -12.39
C PHE B 330 13.72 1.35 -12.26
N HIS B 331 13.83 2.60 -11.82
CA HIS B 331 15.13 3.24 -11.74
C HIS B 331 15.79 2.90 -10.41
N GLN B 332 16.49 1.77 -10.37
CA GLN B 332 17.07 1.28 -9.12
C GLN B 332 18.01 2.31 -8.50
N GLN B 333 18.87 2.89 -9.34
CA GLN B 333 19.78 3.94 -8.85
C GLN B 333 19.00 5.07 -8.18
N ALA B 334 18.05 5.66 -8.90
CA ALA B 334 17.30 6.80 -8.35
C ALA B 334 16.65 6.44 -7.03
N LEU B 335 16.16 5.21 -6.89
CA LEU B 335 15.47 4.88 -5.64
C LEU B 335 16.45 4.76 -4.49
N GLN B 336 17.59 4.09 -4.71
CA GLN B 336 18.62 4.07 -3.67
C GLN B 336 19.08 5.47 -3.33
N GLU B 337 19.17 6.34 -4.33
CA GLU B 337 19.55 7.73 -4.08
C GLU B 337 18.55 8.40 -3.15
N TYR B 338 17.26 8.19 -3.38
CA TYR B 338 16.26 8.87 -2.56
C TYR B 338 16.27 8.33 -1.12
N ILE B 339 16.35 7.01 -0.97
CA ILE B 339 16.37 6.44 0.38
C ILE B 339 17.60 6.89 1.13
N LEU B 340 18.77 6.82 0.48
CA LEU B 340 20.01 7.10 1.20
C LEU B 340 20.13 8.59 1.51
N MET B 341 19.78 9.46 0.58
CA MET B 341 19.95 10.88 0.79
C MET B 341 18.81 11.53 1.55
N CYS B 342 17.59 10.98 1.47
CA CYS B 342 16.42 11.67 2.00
C CYS B 342 15.70 10.97 3.15
N CYS B 343 15.80 9.65 3.28
CA CYS B 343 15.00 8.94 4.26
C CYS B 343 15.76 8.51 5.51
N GLN B 344 17.06 8.79 5.58
CA GLN B 344 17.83 8.41 6.76
C GLN B 344 17.74 9.53 7.78
N CYS B 345 17.49 9.17 9.02
CA CYS B 345 17.50 10.06 10.18
C CYS B 345 18.85 9.93 10.87
N PRO B 346 19.54 11.05 11.16
CA PRO B 346 20.93 10.94 11.62
C PRO B 346 21.10 10.23 12.95
N ALA B 347 20.02 9.98 13.68
CA ALA B 347 20.11 9.27 14.95
C ALA B 347 19.76 7.79 14.84
N GLY B 348 19.44 7.31 13.63
CA GLY B 348 19.02 5.95 13.44
C GLY B 348 17.55 5.88 13.05
N GLY B 349 17.20 4.87 12.27
CA GLY B 349 15.86 4.78 11.75
C GLY B 349 15.71 5.53 10.45
N LEU B 350 14.78 5.05 9.63
CA LEU B 350 14.45 5.68 8.37
C LEU B 350 13.07 6.30 8.47
N LEU B 351 12.64 6.93 7.37
CA LEU B 351 11.44 7.75 7.48
C LEU B 351 10.86 8.01 6.09
N ASP B 352 9.69 8.68 6.12
CA ASP B 352 8.84 8.87 4.95
C ASP B 352 9.51 9.80 3.95
N LYS B 353 9.78 11.04 4.36
CA LYS B 353 10.38 12.06 3.52
C LYS B 353 11.02 13.10 4.42
N PRO B 354 11.87 13.97 3.89
CA PRO B 354 12.53 14.94 4.76
C PRO B 354 11.51 15.81 5.47
N GLY B 355 11.63 15.86 6.79
CA GLY B 355 10.77 16.66 7.62
C GLY B 355 9.84 15.85 8.49
N LYS B 356 9.66 14.57 8.19
CA LYS B 356 8.92 13.63 9.00
C LYS B 356 9.85 12.96 10.01
N SER B 357 9.26 12.42 11.07
CA SER B 357 10.05 11.76 12.10
C SER B 357 10.13 10.27 11.82
N ARG B 358 11.11 9.63 12.45
CA ARG B 358 11.37 8.21 12.21
C ARG B 358 10.34 7.33 12.90
N ASP B 359 10.23 6.11 12.39
CA ASP B 359 9.38 5.09 13.01
C ASP B 359 9.76 3.73 12.43
N PHE B 360 9.46 2.69 13.20
CA PHE B 360 9.87 1.36 12.78
C PHE B 360 9.17 0.90 11.52
N TYR B 361 8.00 1.46 11.20
CA TYR B 361 7.33 1.08 9.97
C TYR B 361 8.14 1.52 8.76
N HIS B 362 8.49 2.79 8.69
CA HIS B 362 9.29 3.22 7.57
C HIS B 362 10.68 2.61 7.63
N THR B 363 11.19 2.33 8.83
CA THR B 363 12.50 1.69 8.92
C THR B 363 12.48 0.35 8.20
N CYS B 364 11.43 -0.44 8.43
CA CYS B 364 11.29 -1.74 7.80
C CYS B 364 11.20 -1.62 6.28
N TYR B 365 10.35 -0.72 5.77
CA TYR B 365 10.06 -0.69 4.34
C TYR B 365 11.01 0.19 3.54
N CYS B 366 11.61 1.23 4.13
CA CYS B 366 12.72 1.89 3.46
C CYS B 366 13.87 0.93 3.21
N LEU B 367 14.22 0.09 4.21
CA LEU B 367 15.31 -0.87 4.02
C LEU B 367 14.88 -2.05 3.16
N SER B 368 13.60 -2.42 3.22
CA SER B 368 13.14 -3.48 2.33
C SER B 368 13.22 -3.05 0.87
N GLY B 369 12.82 -1.80 0.58
CA GLY B 369 12.96 -1.29 -0.77
C GLY B 369 14.40 -1.11 -1.20
N LEU B 370 15.23 -0.54 -0.32
CA LEU B 370 16.65 -0.42 -0.63
C LEU B 370 17.21 -1.76 -1.07
N SER B 371 16.84 -2.83 -0.35
CA SER B 371 17.34 -4.15 -0.68
C SER B 371 16.82 -4.63 -2.03
N ILE B 372 15.52 -4.42 -2.31
CA ILE B 372 14.97 -4.74 -3.62
C ILE B 372 15.79 -4.06 -4.71
N ALA B 373 15.96 -2.74 -4.59
CA ALA B 373 16.66 -1.98 -5.60
C ALA B 373 18.12 -2.39 -5.75
N GLN B 374 18.72 -2.97 -4.71
CA GLN B 374 20.12 -3.34 -4.78
C GLN B 374 20.34 -4.67 -5.49
N HIS B 375 19.35 -5.57 -5.50
CA HIS B 375 19.56 -6.96 -5.88
C HIS B 375 18.58 -7.37 -6.97
N PHE B 376 19.11 -7.65 -8.16
CA PHE B 376 18.35 -8.30 -9.22
C PHE B 376 18.73 -9.77 -9.28
N GLY B 377 17.72 -10.62 -9.47
CA GLY B 377 17.98 -12.02 -9.73
C GLY B 377 16.81 -12.68 -10.43
N SER B 378 17.08 -13.34 -11.57
CA SER B 378 16.10 -14.14 -12.30
C SER B 378 16.78 -15.45 -12.70
N GLY B 379 16.68 -16.44 -11.82
CA GLY B 379 17.38 -17.70 -12.01
C GLY B 379 18.84 -17.59 -11.64
N ALA B 380 19.73 -18.12 -12.48
CA ALA B 380 21.17 -18.00 -12.26
C ALA B 380 21.66 -16.58 -12.49
N MET B 381 20.94 -15.77 -13.26
CA MET B 381 21.30 -14.39 -13.52
C MET B 381 21.12 -13.57 -12.25
N LEU B 382 22.23 -13.13 -11.67
CA LEU B 382 22.23 -12.22 -10.54
C LEU B 382 23.00 -10.97 -10.93
N HIS B 383 22.49 -9.80 -10.54
CA HIS B 383 23.27 -8.58 -10.76
C HIS B 383 22.90 -7.55 -9.71
N ASP B 384 23.89 -7.13 -8.93
CA ASP B 384 23.65 -6.17 -7.87
C ASP B 384 24.09 -4.78 -8.30
N VAL B 385 23.53 -3.77 -7.63
CA VAL B 385 23.81 -2.36 -7.87
C VAL B 385 23.76 -1.65 -6.52
N VAL B 386 24.93 -1.28 -5.99
CA VAL B 386 25.01 -0.72 -4.64
C VAL B 386 25.52 0.71 -4.74
N MET B 387 24.59 1.66 -4.66
CA MET B 387 24.94 3.08 -4.68
C MET B 387 25.64 3.48 -3.39
N GLY B 388 26.54 4.46 -3.51
CA GLY B 388 27.34 4.85 -2.36
C GLY B 388 28.40 3.80 -2.06
N VAL B 389 28.85 3.81 -0.81
CA VAL B 389 29.92 2.91 -0.39
C VAL B 389 29.43 1.48 -0.43
N PRO B 390 30.31 0.50 -0.66
CA PRO B 390 29.84 -0.87 -0.86
C PRO B 390 29.26 -1.53 0.38
N GLU B 391 29.58 -1.03 1.58
CA GLU B 391 28.99 -1.57 2.81
C GLU B 391 27.49 -1.32 2.89
N ASN B 392 26.95 -0.42 2.07
CA ASN B 392 25.52 -0.19 2.03
C ASN B 392 24.74 -1.42 1.61
N VAL B 393 25.38 -2.49 1.12
CA VAL B 393 24.60 -3.61 0.60
C VAL B 393 23.87 -4.30 1.73
N LEU B 394 22.60 -4.62 1.49
CA LEU B 394 21.77 -5.30 2.47
C LEU B 394 21.58 -6.76 2.08
N GLN B 395 21.10 -7.54 3.03
CA GLN B 395 20.67 -8.89 2.72
C GLN B 395 19.47 -8.84 1.79
N PRO B 396 19.33 -9.81 0.90
CA PRO B 396 18.15 -9.85 0.03
C PRO B 396 16.88 -10.12 0.82
N THR B 397 15.76 -9.70 0.25
CA THR B 397 14.45 -9.97 0.82
C THR B 397 13.59 -10.68 -0.23
N HIS B 398 12.70 -11.54 0.23
CA HIS B 398 11.82 -12.26 -0.69
C HIS B 398 10.63 -11.39 -1.04
N PRO B 399 10.37 -11.09 -2.31
CA PRO B 399 9.37 -10.08 -2.66
C PRO B 399 7.92 -10.53 -2.45
N VAL B 400 7.65 -11.76 -2.03
CA VAL B 400 6.28 -12.14 -1.68
C VAL B 400 6.02 -11.94 -0.19
N TYR B 401 6.88 -12.48 0.65
CA TYR B 401 6.68 -12.45 2.10
C TYR B 401 7.44 -11.30 2.79
N ASN B 402 8.39 -10.67 2.10
CA ASN B 402 9.28 -9.66 2.70
C ASN B 402 9.92 -10.21 3.97
N ILE B 403 10.34 -11.46 3.92
CA ILE B 403 11.30 -11.99 4.85
C ILE B 403 12.41 -12.58 3.99
N GLY B 404 13.59 -12.73 4.58
CA GLY B 404 14.75 -13.21 3.87
C GLY B 404 14.46 -14.48 3.10
N PRO B 405 14.96 -14.56 1.86
CA PRO B 405 14.64 -15.75 1.03
C PRO B 405 14.99 -17.05 1.71
N ASP B 406 16.11 -17.07 2.43
CA ASP B 406 16.51 -18.26 3.16
C ASP B 406 15.46 -18.68 4.17
N LYS B 407 14.82 -17.69 4.80
CA LYS B 407 13.82 -17.97 5.83
C LYS B 407 12.56 -18.57 5.24
N VAL B 408 12.19 -18.12 4.03
CA VAL B 408 11.01 -18.70 3.36
C VAL B 408 11.26 -20.17 3.03
N ILE B 409 12.43 -20.47 2.45
CA ILE B 409 12.77 -21.86 2.14
C ILE B 409 12.76 -22.69 3.41
N GLN B 410 13.44 -22.19 4.45
CA GLN B 410 13.56 -22.96 5.68
C GLN B 410 12.20 -23.23 6.29
N ALA B 411 11.30 -22.23 6.27
CA ALA B 411 9.98 -22.41 6.87
C ALA B 411 9.13 -23.37 6.07
N THR B 412 9.05 -23.17 4.75
CA THR B 412 8.19 -24.04 3.95
C THR B 412 8.68 -25.48 3.99
N THR B 413 10.00 -25.69 3.91
CA THR B 413 10.54 -27.04 4.00
C THR B 413 10.20 -27.68 5.34
N HIS B 414 10.19 -26.88 6.41
CA HIS B 414 9.81 -27.42 7.71
C HIS B 414 8.33 -27.83 7.74
N PHE B 415 7.44 -26.92 7.33
CA PHE B 415 6.01 -27.17 7.43
C PHE B 415 5.50 -28.13 6.36
N LEU B 416 6.26 -28.37 5.28
CA LEU B 416 5.79 -29.35 4.32
C LEU B 416 5.97 -30.77 4.83
N GLN B 417 6.80 -30.96 5.86
CA GLN B 417 6.93 -32.25 6.51
C GLN B 417 5.88 -32.49 7.60
N LYS B 418 4.89 -31.59 7.71
CA LYS B 418 3.66 -31.81 8.45
C LYS B 418 2.54 -32.11 7.48
N PRO B 419 1.45 -32.70 7.95
CA PRO B 419 0.26 -32.84 7.10
C PRO B 419 -0.59 -31.57 7.11
N VAL B 420 -1.29 -31.34 6.01
CA VAL B 420 -2.30 -30.27 6.02
C VAL B 420 -3.42 -30.67 6.98
N PRO B 421 -3.86 -29.79 7.88
CA PRO B 421 -4.80 -30.19 8.94
C PRO B 421 -6.08 -30.84 8.42
N GLY B 422 -6.47 -31.93 9.09
CA GLY B 422 -7.52 -32.81 8.62
C GLY B 422 -7.11 -33.74 7.50
N PHE B 423 -5.86 -33.67 7.05
CA PHE B 423 -5.34 -34.46 5.91
C PHE B 423 -6.09 -34.11 4.62
#